data_4ZDQ
#
_entry.id   4ZDQ
#
_cell.length_a   45.900
_cell.length_b   138.950
_cell.length_c   76.920
_cell.angle_alpha   90.000
_cell.angle_beta   101.940
_cell.angle_gamma   90.000
#
_symmetry.space_group_name_H-M   'P 1 21 1'
#
loop_
_entity.id
_entity.type
_entity.pdbx_description
1 polymer '2-C-methyl-D-erythritol 4-phosphate cytidylyltransferase'
2 non-polymer "CYTIDINE-5'-TRIPHOSPHATE"
3 non-polymer 'MAGNESIUM ION'
4 non-polymer 'ACETATE ION'
5 non-polymer 'CACODYLIC ACID'
6 non-polymer GLYCEROL
7 water water
#
_entity_poly.entity_id   1
_entity_poly.type   'polypeptide(L)'
_entity_poly.pdbx_seq_one_letter_code
;GPGSMVTSRLFALIPCAGTGSRSGSALPKQYRTLAGRALLHYTLAAFDACSEFAQTLVVISPDDAHFDARRFAGLRFAVR
RCGGASRQASVMNGLIQLAEFGATDADWVLVHDAARPGITPALIRTLIGALKDDPVGGIVALPVADTLKRVPAGGDAIER
TESRNGLWQAQTPQMFRIGMLRDAIQRAQLEGRDLTDEASAIEWAGHTPRVVQGSLRNFKVTYPEDFDLAEAILAHPARA
S
;
_entity_poly.pdbx_strand_id   A,B,C,D
#
loop_
_chem_comp.id
_chem_comp.type
_chem_comp.name
_chem_comp.formula
ACT non-polymer 'ACETATE ION' 'C2 H3 O2 -1'
CAD non-polymer 'CACODYLIC ACID' 'C2 H7 As O2'
CTP non-polymer CYTIDINE-5'-TRIPHOSPHATE 'C9 H16 N3 O14 P3'
GOL non-polymer GLYCEROL 'C3 H8 O3'
MG non-polymer 'MAGNESIUM ION' 'Mg 2'
#
# COMPACT_ATOMS: atom_id res chain seq x y z
N THR A 7 13.44 -25.74 3.24
CA THR A 7 13.24 -26.30 4.57
C THR A 7 13.93 -25.45 5.64
N SER A 8 14.67 -24.45 5.20
CA SER A 8 15.36 -23.56 6.13
C SER A 8 14.36 -22.74 6.95
N ARG A 9 14.42 -22.89 8.27
CA ARG A 9 13.53 -22.14 9.15
CA ARG A 9 13.55 -22.15 9.17
C ARG A 9 14.02 -20.71 9.33
N LEU A 10 13.11 -19.84 9.76
CA LEU A 10 13.44 -18.44 9.96
C LEU A 10 13.45 -18.08 11.45
N PHE A 11 14.57 -17.54 11.91
CA PHE A 11 14.68 -17.08 13.29
C PHE A 11 14.99 -15.59 13.34
N ALA A 12 14.40 -14.91 14.32
CA ALA A 12 14.67 -13.49 14.51
C ALA A 12 15.50 -13.28 15.77
N LEU A 13 16.50 -12.42 15.67
CA LEU A 13 17.36 -12.11 16.81
C LEU A 13 17.42 -10.60 17.02
N ILE A 14 16.95 -10.15 18.18
CA ILE A 14 16.90 -8.72 18.48
C ILE A 14 17.93 -8.36 19.55
N PRO A 15 19.13 -7.93 19.13
CA PRO A 15 20.12 -7.44 20.09
C PRO A 15 19.57 -6.24 20.86
N CYS A 16 19.35 -6.42 22.15
CA CYS A 16 18.65 -5.43 22.96
C CYS A 16 19.37 -5.25 24.29
N ALA A 17 20.69 -5.39 24.26
CA ALA A 17 21.50 -5.31 25.46
C ALA A 17 22.34 -4.04 25.48
N GLY A 18 21.94 -3.07 24.68
CA GLY A 18 22.65 -1.80 24.61
C GLY A 18 22.14 -0.78 25.62
N THR A 19 22.89 0.29 25.80
CA THR A 19 22.54 1.31 26.79
C THR A 19 21.99 2.57 26.13
N GLY A 20 22.38 2.82 24.88
CA GLY A 20 21.95 4.01 24.17
C GLY A 20 22.59 5.27 24.71
N SER A 21 23.91 5.28 24.79
CA SER A 21 24.65 6.40 25.39
C SER A 21 24.56 7.68 24.55
N ARG A 22 24.41 7.53 23.24
CA ARG A 22 24.33 8.69 22.36
C ARG A 22 22.94 9.32 22.37
N SER A 23 21.94 8.55 22.80
CA SER A 23 20.56 9.02 22.80
C SER A 23 20.30 9.97 23.97
N GLY A 24 21.24 10.05 24.89
CA GLY A 24 21.13 10.94 26.04
C GLY A 24 20.01 10.57 27.00
N SER A 25 19.51 9.35 26.86
CA SER A 25 18.43 8.87 27.72
C SER A 25 18.97 8.01 28.86
N ALA A 26 18.65 8.40 30.09
CA ALA A 26 19.07 7.64 31.27
C ALA A 26 18.52 6.22 31.22
N LEU A 27 17.24 6.12 30.88
CA LEU A 27 16.63 4.82 30.60
C LEU A 27 17.09 4.34 29.24
N PRO A 28 17.46 3.06 29.12
CA PRO A 28 17.86 2.47 27.85
C PRO A 28 16.86 2.79 26.74
N LYS A 29 17.34 3.33 25.63
CA LYS A 29 16.48 3.88 24.59
C LYS A 29 15.49 2.86 24.02
N GLN A 30 15.83 1.58 24.10
CA GLN A 30 14.94 0.53 23.60
C GLN A 30 13.68 0.42 24.44
N TYR A 31 13.74 0.93 25.66
CA TYR A 31 12.60 0.87 26.58
C TYR A 31 11.89 2.21 26.66
N ARG A 32 12.40 3.20 25.93
CA ARG A 32 11.82 4.53 25.90
C ARG A 32 10.43 4.51 25.27
N THR A 33 9.48 5.17 25.93
CA THR A 33 8.09 5.18 25.48
C THR A 33 7.89 6.12 24.29
N LEU A 34 7.36 5.58 23.20
CA LEU A 34 6.98 6.38 22.05
C LEU A 34 5.50 6.20 21.73
N ALA A 35 4.76 7.30 21.78
CA ALA A 35 3.31 7.31 21.55
C ALA A 35 2.60 6.31 22.46
N GLY A 36 2.98 6.32 23.74
CA GLY A 36 2.37 5.43 24.72
C GLY A 36 2.79 3.98 24.59
N ARG A 37 3.87 3.75 23.86
CA ARG A 37 4.35 2.39 23.61
C ARG A 37 5.87 2.33 23.62
N ALA A 38 6.42 1.24 24.17
CA ALA A 38 7.86 1.08 24.25
C ALA A 38 8.47 0.93 22.87
N LEU A 39 9.72 1.38 22.72
CA LEU A 39 10.42 1.36 21.44
C LEU A 39 10.58 -0.07 20.92
N LEU A 40 10.90 -0.98 21.83
CA LEU A 40 11.10 -2.39 21.49
C LEU A 40 9.81 -3.03 20.99
N HIS A 41 8.68 -2.56 21.53
CA HIS A 41 7.38 -3.13 21.21
C HIS A 41 7.05 -3.04 19.73
N TYR A 42 7.53 -1.98 19.08
CA TYR A 42 7.29 -1.79 17.65
C TYR A 42 8.09 -2.79 16.82
N THR A 43 9.28 -3.12 17.28
CA THR A 43 10.12 -4.10 16.61
C THR A 43 9.52 -5.49 16.73
N LEU A 44 9.11 -5.85 17.95
CA LEU A 44 8.57 -7.17 18.23
C LEU A 44 7.22 -7.39 17.56
N ALA A 45 6.43 -6.32 17.46
CA ALA A 45 5.11 -6.41 16.84
C ALA A 45 5.23 -6.66 15.34
N ALA A 46 6.30 -6.14 14.75
CA ALA A 46 6.54 -6.32 13.31
C ALA A 46 6.87 -7.78 13.00
N PHE A 47 7.72 -8.38 13.82
CA PHE A 47 8.10 -9.78 13.64
C PHE A 47 6.96 -10.72 14.05
N ASP A 48 6.19 -10.31 15.06
CA ASP A 48 5.06 -11.10 15.53
C ASP A 48 4.00 -11.25 14.43
N ALA A 49 3.88 -10.22 13.59
CA ALA A 49 2.94 -10.24 12.49
C ALA A 49 3.34 -11.25 11.43
N CYS A 50 4.62 -11.63 11.43
CA CYS A 50 5.12 -12.60 10.48
C CYS A 50 5.12 -14.01 11.08
N SER A 51 4.06 -14.77 10.81
CA SER A 51 3.87 -16.07 11.42
C SER A 51 4.82 -17.14 10.89
N GLU A 52 5.52 -16.83 9.79
CA GLU A 52 6.42 -17.81 9.18
C GLU A 52 7.72 -17.93 9.97
N PHE A 53 7.88 -17.12 10.99
CA PHE A 53 9.05 -17.20 11.87
C PHE A 53 8.88 -18.32 12.90
N ALA A 54 9.95 -19.06 13.14
CA ALA A 54 9.94 -20.11 14.14
C ALA A 54 9.84 -19.51 15.54
N GLN A 55 10.70 -18.51 15.81
CA GLN A 55 10.69 -17.80 17.08
C GLN A 55 11.53 -16.52 16.99
N THR A 56 11.19 -15.54 17.83
CA THR A 56 11.97 -14.31 17.93
C THR A 56 12.67 -14.24 19.29
N LEU A 57 13.99 -14.18 19.26
CA LEU A 57 14.78 -14.12 20.48
C LEU A 57 15.28 -12.71 20.78
N VAL A 58 14.98 -12.22 21.98
CA VAL A 58 15.45 -10.92 22.43
C VAL A 58 16.60 -11.08 23.41
N VAL A 59 17.75 -10.52 23.05
CA VAL A 59 18.93 -10.60 23.91
C VAL A 59 19.07 -9.35 24.75
N ILE A 60 18.95 -9.49 26.07
CA ILE A 60 19.14 -8.36 26.97
C ILE A 60 20.32 -8.61 27.89
N SER A 61 20.81 -7.54 28.52
CA SER A 61 21.92 -7.64 29.45
C SER A 61 21.52 -8.46 30.67
N PRO A 62 22.49 -9.19 31.26
CA PRO A 62 22.22 -9.91 32.50
C PRO A 62 21.91 -8.99 33.67
N ASP A 63 22.27 -7.71 33.55
CA ASP A 63 22.01 -6.73 34.59
C ASP A 63 20.80 -5.87 34.26
N ASP A 64 20.08 -6.24 33.20
CA ASP A 64 18.90 -5.49 32.76
C ASP A 64 17.79 -5.56 33.80
N ALA A 65 17.45 -4.42 34.38
CA ALA A 65 16.40 -4.35 35.39
C ALA A 65 15.24 -3.48 34.92
N HIS A 66 15.17 -3.26 33.61
CA HIS A 66 14.15 -2.39 33.04
C HIS A 66 13.19 -3.14 32.12
N PHE A 67 13.58 -4.33 31.68
CA PHE A 67 12.73 -5.13 30.81
C PHE A 67 11.55 -5.70 31.58
N ASP A 68 10.35 -5.31 31.18
CA ASP A 68 9.13 -5.82 31.79
C ASP A 68 8.31 -6.58 30.76
N ALA A 69 8.18 -7.89 30.96
CA ALA A 69 7.49 -8.75 30.00
C ALA A 69 6.01 -8.39 29.84
N ARG A 70 5.43 -7.83 30.89
CA ARG A 70 4.01 -7.47 30.88
C ARG A 70 3.72 -6.36 29.88
N ARG A 71 4.75 -5.60 29.52
CA ARG A 71 4.60 -4.50 28.57
C ARG A 71 4.65 -5.00 27.13
N PHE A 72 4.85 -6.31 26.96
CA PHE A 72 4.95 -6.89 25.63
C PHE A 72 4.06 -8.13 25.50
N ALA A 73 3.05 -8.22 26.36
CA ALA A 73 2.13 -9.35 26.34
C ALA A 73 1.35 -9.44 25.04
N GLY A 74 1.16 -10.66 24.54
CA GLY A 74 0.44 -10.87 23.30
C GLY A 74 1.34 -11.06 22.10
N LEU A 75 2.60 -10.68 22.25
CA LEU A 75 3.57 -10.82 21.16
C LEU A 75 4.36 -12.12 21.30
N ARG A 76 4.58 -12.81 20.19
CA ARG A 76 5.29 -14.08 20.22
C ARG A 76 6.80 -13.86 20.12
N PHE A 77 7.48 -14.08 21.24
CA PHE A 77 8.93 -13.91 21.30
C PHE A 77 9.47 -14.56 22.57
N ALA A 78 10.79 -14.78 22.59
CA ALA A 78 11.46 -15.24 23.80
C ALA A 78 12.56 -14.26 24.17
N VAL A 79 12.93 -14.24 25.45
CA VAL A 79 13.96 -13.32 25.92
C VAL A 79 14.99 -14.08 26.76
N ARG A 80 16.27 -13.79 26.51
CA ARG A 80 17.36 -14.41 27.24
C ARG A 80 18.38 -13.36 27.68
N ARG A 81 18.88 -13.50 28.90
CA ARG A 81 19.84 -12.56 29.46
C ARG A 81 21.27 -12.96 29.14
N CYS A 82 21.57 -13.11 27.85
CA CYS A 82 22.92 -13.47 27.42
C CYS A 82 23.61 -12.31 26.73
N GLY A 83 23.29 -11.09 27.17
CA GLY A 83 23.89 -9.89 26.60
C GLY A 83 25.39 -9.81 26.81
N GLY A 84 26.09 -9.26 25.82
CA GLY A 84 27.53 -9.13 25.89
C GLY A 84 28.00 -7.70 26.09
N ALA A 85 29.31 -7.51 26.14
CA ALA A 85 29.89 -6.20 26.33
C ALA A 85 29.71 -5.32 25.10
N SER A 86 29.69 -5.96 23.93
CA SER A 86 29.51 -5.25 22.67
C SER A 86 28.32 -5.83 21.91
N ARG A 87 27.94 -5.17 20.82
CA ARG A 87 26.82 -5.65 20.00
C ARG A 87 27.15 -7.00 19.38
N GLN A 88 28.36 -7.11 18.84
CA GLN A 88 28.79 -8.34 18.18
C GLN A 88 28.82 -9.51 19.16
N ALA A 89 29.21 -9.23 20.40
CA ALA A 89 29.24 -10.25 21.44
C ALA A 89 27.83 -10.69 21.82
N SER A 90 26.92 -9.73 21.87
CA SER A 90 25.52 -10.02 22.19
C SER A 90 24.88 -10.85 21.09
N VAL A 91 25.27 -10.59 19.84
CA VAL A 91 24.77 -11.35 18.71
C VAL A 91 25.32 -12.76 18.74
N MET A 92 26.62 -12.87 19.01
CA MET A 92 27.29 -14.17 19.11
C MET A 92 26.64 -15.07 20.16
N ASN A 93 26.38 -14.50 21.34
CA ASN A 93 25.73 -15.25 22.42
C ASN A 93 24.32 -15.64 22.03
N GLY A 94 23.64 -14.75 21.31
CA GLY A 94 22.29 -15.03 20.85
C GLY A 94 22.23 -16.18 19.87
N LEU A 95 23.16 -16.20 18.92
CA LEU A 95 23.25 -17.26 17.93
C LEU A 95 23.43 -18.62 18.61
N ILE A 96 24.28 -18.66 19.64
CA ILE A 96 24.47 -19.86 20.44
C ILE A 96 23.16 -20.22 21.12
N GLN A 97 22.49 -19.21 21.67
CA GLN A 97 21.26 -19.42 22.43
C GLN A 97 20.11 -19.95 21.58
N LEU A 98 20.17 -19.69 20.28
CA LEU A 98 19.10 -20.10 19.37
C LEU A 98 18.97 -21.62 19.29
N ALA A 99 20.04 -22.33 19.59
CA ALA A 99 20.04 -23.80 19.54
C ALA A 99 19.07 -24.39 20.56
N GLU A 100 18.83 -23.64 21.63
CA GLU A 100 17.88 -24.04 22.66
C GLU A 100 16.46 -24.15 22.08
N PHE A 101 16.17 -23.31 21.10
CA PHE A 101 14.84 -23.26 20.51
C PHE A 101 14.75 -24.13 19.25
N GLY A 102 15.71 -25.04 19.09
CA GLY A 102 15.68 -26.00 18.01
C GLY A 102 16.31 -25.53 16.70
N ALA A 103 17.00 -24.40 16.75
CA ALA A 103 17.64 -23.85 15.56
C ALA A 103 18.87 -24.66 15.17
N THR A 104 19.12 -24.77 13.87
CA THR A 104 20.31 -25.45 13.38
C THR A 104 21.18 -24.52 12.55
N ASP A 105 22.34 -24.99 12.14
CA ASP A 105 23.30 -24.19 11.39
C ASP A 105 22.79 -23.83 9.99
N ALA A 106 21.85 -24.62 9.49
CA ALA A 106 21.34 -24.41 8.14
C ALA A 106 20.18 -23.42 8.11
N ASP A 107 19.72 -23.00 9.28
CA ASP A 107 18.58 -22.10 9.39
C ASP A 107 18.98 -20.64 9.21
N TRP A 108 18.04 -19.83 8.72
CA TRP A 108 18.26 -18.40 8.59
C TRP A 108 18.10 -17.69 9.93
N VAL A 109 18.90 -16.65 10.15
CA VAL A 109 18.68 -15.77 11.29
C VAL A 109 18.65 -14.32 10.80
N LEU A 110 17.64 -13.58 11.26
CA LEU A 110 17.53 -12.16 10.91
C LEU A 110 17.81 -11.30 12.13
N VAL A 111 19.00 -10.70 12.16
CA VAL A 111 19.41 -9.85 13.27
C VAL A 111 18.93 -8.43 13.01
N HIS A 112 18.10 -7.91 13.92
CA HIS A 112 17.55 -6.58 13.76
C HIS A 112 17.74 -5.74 15.01
N ASP A 113 18.21 -4.51 14.83
CA ASP A 113 18.38 -3.57 15.94
C ASP A 113 17.03 -3.20 16.54
N ALA A 114 16.96 -3.25 17.88
CA ALA A 114 15.75 -2.82 18.58
C ALA A 114 15.56 -1.32 18.42
N ALA A 115 16.66 -0.63 18.10
CA ALA A 115 16.64 0.82 17.93
C ALA A 115 16.08 1.23 16.58
N ARG A 116 15.58 0.26 15.81
CA ARG A 116 14.92 0.55 14.54
C ARG A 116 13.45 0.13 14.59
N PRO A 117 12.60 0.98 15.17
CA PRO A 117 11.17 0.67 15.36
C PRO A 117 10.35 0.76 14.09
N GLY A 118 10.87 1.43 13.07
CA GLY A 118 10.14 1.65 11.84
C GLY A 118 10.07 0.44 10.93
N ILE A 119 10.63 -0.68 11.38
CA ILE A 119 10.63 -1.91 10.61
C ILE A 119 9.19 -2.39 10.40
N THR A 120 8.90 -2.88 9.21
CA THR A 120 7.56 -3.36 8.88
C THR A 120 7.62 -4.79 8.37
N PRO A 121 6.52 -5.54 8.52
CA PRO A 121 6.45 -6.91 7.98
C PRO A 121 6.69 -6.97 6.49
N ALA A 122 6.29 -5.93 5.77
CA ALA A 122 6.46 -5.88 4.32
C ALA A 122 7.94 -5.84 3.95
N LEU A 123 8.71 -5.07 4.69
CA LEU A 123 10.15 -4.95 4.44
C LEU A 123 10.89 -6.22 4.87
N ILE A 124 10.41 -6.83 5.94
CA ILE A 124 10.96 -8.09 6.42
C ILE A 124 10.80 -9.16 5.34
N ARG A 125 9.61 -9.25 4.76
CA ARG A 125 9.29 -10.26 3.77
C ARG A 125 9.88 -9.91 2.41
N THR A 126 10.26 -8.66 2.21
CA THR A 126 10.94 -8.27 0.99
C THR A 126 12.38 -8.79 1.03
N LEU A 127 13.01 -8.66 2.19
CA LEU A 127 14.37 -9.14 2.40
C LEU A 127 14.43 -10.66 2.26
N ILE A 128 13.51 -11.35 2.95
CA ILE A 128 13.44 -12.80 2.93
C ILE A 128 13.24 -13.33 1.51
N GLY A 129 12.24 -12.80 0.82
CA GLY A 129 11.90 -13.25 -0.51
C GLY A 129 12.98 -13.05 -1.55
N ALA A 130 13.85 -12.07 -1.30
CA ALA A 130 14.90 -11.74 -2.26
C ALA A 130 16.17 -12.56 -2.03
N LEU A 131 16.34 -13.06 -0.81
CA LEU A 131 17.60 -13.71 -0.43
C LEU A 131 17.42 -15.13 0.10
N LYS A 132 16.22 -15.68 -0.03
CA LYS A 132 15.94 -17.01 0.48
C LYS A 132 16.71 -18.09 -0.28
N ASP A 133 17.01 -17.83 -1.55
CA ASP A 133 17.72 -18.79 -2.38
C ASP A 133 19.17 -18.38 -2.60
N ASP A 134 19.65 -17.45 -1.77
CA ASP A 134 21.02 -16.98 -1.85
C ASP A 134 21.94 -17.88 -1.01
N PRO A 135 23.13 -18.19 -1.54
CA PRO A 135 24.08 -19.05 -0.82
C PRO A 135 24.70 -18.38 0.40
N VAL A 136 24.55 -17.06 0.51
CA VAL A 136 25.12 -16.31 1.62
C VAL A 136 24.04 -15.55 2.38
N GLY A 137 23.26 -14.77 1.66
CA GLY A 137 22.27 -13.91 2.26
C GLY A 137 22.61 -12.45 2.04
N GLY A 138 22.18 -11.58 2.97
CA GLY A 138 22.47 -10.17 2.84
C GLY A 138 21.78 -9.27 3.84
N ILE A 139 21.80 -7.96 3.56
CA ILE A 139 21.27 -6.97 4.48
C ILE A 139 20.35 -6.00 3.76
N VAL A 140 19.53 -5.29 4.53
CA VAL A 140 18.74 -4.19 3.99
C VAL A 140 19.59 -2.93 4.17
N ALA A 141 19.53 -2.02 3.20
CA ALA A 141 20.42 -0.86 3.19
C ALA A 141 19.89 0.30 2.36
N LEU A 142 20.56 1.44 2.47
CA LEU A 142 20.17 2.64 1.74
C LEU A 142 21.38 3.29 1.06
N PRO A 143 21.25 3.58 -0.25
CA PRO A 143 22.32 4.26 -0.99
C PRO A 143 22.59 5.64 -0.43
N VAL A 144 23.85 6.06 -0.43
CA VAL A 144 24.22 7.40 0.04
C VAL A 144 23.73 8.43 -0.97
N ALA A 145 22.79 9.27 -0.54
CA ALA A 145 22.19 10.26 -1.42
C ALA A 145 22.85 11.62 -1.28
N ASP A 146 23.31 11.95 -0.07
CA ASP A 146 23.91 13.24 0.20
C ASP A 146 25.38 13.30 -0.20
N THR A 147 25.84 14.50 -0.54
CA THR A 147 27.25 14.73 -0.83
C THR A 147 28.06 14.51 0.44
N LEU A 148 29.13 13.73 0.34
CA LEU A 148 29.95 13.42 1.51
C LEU A 148 31.05 14.45 1.73
N LYS A 149 31.15 14.93 2.96
CA LYS A 149 32.18 15.90 3.33
C LYS A 149 33.12 15.31 4.37
N ARG A 150 34.42 15.56 4.20
CA ARG A 150 35.40 15.08 5.17
C ARG A 150 35.70 16.16 6.20
N VAL A 151 35.34 15.88 7.45
CA VAL A 151 35.58 16.80 8.54
C VAL A 151 36.54 16.18 9.56
N PRO A 152 37.77 16.69 9.63
CA PRO A 152 38.78 16.21 10.58
C PRO A 152 38.27 16.26 12.02
N ALA A 153 38.49 15.18 12.76
CA ALA A 153 38.00 15.08 14.13
C ALA A 153 38.59 16.15 15.03
N GLY A 154 37.72 16.84 15.78
CA GLY A 154 38.15 17.88 16.68
C GLY A 154 37.62 19.26 16.32
N GLY A 155 37.20 19.41 15.07
CA GLY A 155 36.69 20.68 14.60
C GLY A 155 35.46 20.56 13.72
N ASP A 156 35.03 21.69 13.14
CA ASP A 156 33.86 21.71 12.27
C ASP A 156 34.23 22.11 10.84
N ALA A 157 35.52 22.18 10.57
CA ALA A 157 36.01 22.62 9.26
C ALA A 157 35.94 21.47 8.24
N ILE A 158 35.51 21.79 7.03
CA ILE A 158 35.46 20.81 5.95
C ILE A 158 36.80 20.75 5.24
N GLU A 159 37.41 19.57 5.24
CA GLU A 159 38.69 19.37 4.56
C GLU A 159 38.48 19.29 3.04
N ARG A 160 37.63 18.37 2.61
CA ARG A 160 37.35 18.19 1.19
C ARG A 160 36.07 17.37 0.98
N THR A 161 35.69 17.20 -0.28
CA THR A 161 34.50 16.44 -0.63
C THR A 161 34.87 15.01 -1.05
N GLU A 162 34.22 14.03 -0.43
CA GLU A 162 34.46 12.63 -0.76
C GLU A 162 33.37 12.10 -1.70
N SER A 163 33.75 11.15 -2.55
CA SER A 163 32.82 10.55 -3.50
C SER A 163 31.81 9.64 -2.79
N ARG A 164 30.58 9.62 -3.29
CA ARG A 164 29.54 8.78 -2.72
C ARG A 164 29.12 7.68 -3.68
N ASN A 165 29.88 7.53 -4.76
CA ASN A 165 29.56 6.55 -5.78
C ASN A 165 29.72 5.13 -5.28
N GLY A 166 28.63 4.38 -5.29
CA GLY A 166 28.66 2.97 -4.90
C GLY A 166 28.65 2.73 -3.40
N LEU A 167 28.34 3.77 -2.63
CA LEU A 167 28.32 3.66 -1.17
C LEU A 167 26.89 3.53 -0.65
N TRP A 168 26.70 2.58 0.25
CA TRP A 168 25.41 2.35 0.88
C TRP A 168 25.52 2.47 2.40
N GLN A 169 24.45 2.93 3.04
CA GLN A 169 24.37 2.92 4.49
C GLN A 169 23.61 1.68 4.95
N ALA A 170 24.29 0.85 5.73
CA ALA A 170 23.71 -0.43 6.15
C ALA A 170 22.63 -0.24 7.22
N GLN A 171 21.54 -0.98 7.07
CA GLN A 171 20.51 -1.03 8.08
C GLN A 171 20.34 -2.47 8.58
N THR A 172 19.26 -2.74 9.29
CA THR A 172 18.90 -4.10 9.68
C THR A 172 17.44 -4.31 9.26
N PRO A 173 16.97 -5.57 9.21
CA PRO A 173 17.57 -6.88 9.52
C PRO A 173 18.74 -7.28 8.62
N GLN A 174 19.64 -8.07 9.17
CA GLN A 174 20.72 -8.66 8.40
C GLN A 174 20.54 -10.17 8.38
N MET A 175 20.30 -10.70 7.18
CA MET A 175 19.86 -12.08 7.02
C MET A 175 20.99 -13.01 6.57
N PHE A 176 21.37 -13.93 7.46
CA PHE A 176 22.40 -14.93 7.15
C PHE A 176 22.05 -16.28 7.77
N ARG A 177 22.78 -17.31 7.39
CA ARG A 177 22.64 -18.63 8.01
C ARG A 177 23.33 -18.63 9.37
N ILE A 178 22.72 -19.32 10.33
CA ILE A 178 23.22 -19.34 11.71
C ILE A 178 24.63 -19.91 11.79
N GLY A 179 24.86 -21.00 11.07
CA GLY A 179 26.17 -21.64 11.07
C GLY A 179 27.28 -20.77 10.50
N MET A 180 27.03 -20.18 9.34
CA MET A 180 28.02 -19.33 8.68
C MET A 180 28.28 -18.05 9.48
N LEU A 181 27.23 -17.49 10.07
CA LEU A 181 27.34 -16.24 10.80
C LEU A 181 28.09 -16.42 12.13
N ARG A 182 27.79 -17.51 12.83
CA ARG A 182 28.43 -17.79 14.11
C ARG A 182 29.93 -18.03 13.93
N ASP A 183 30.28 -18.83 12.94
CA ASP A 183 31.68 -19.13 12.67
C ASP A 183 32.44 -17.89 12.19
N ALA A 184 31.75 -17.03 11.46
CA ALA A 184 32.36 -15.80 10.96
C ALA A 184 32.71 -14.85 12.10
N ILE A 185 31.76 -14.65 13.01
CA ILE A 185 31.99 -13.79 14.17
C ILE A 185 33.05 -14.42 15.07
N GLN A 186 33.03 -15.74 15.17
CA GLN A 186 34.03 -16.47 15.95
C GLN A 186 35.43 -16.22 15.38
N ARG A 187 35.52 -16.20 14.06
CA ARG A 187 36.77 -15.87 13.37
C ARG A 187 37.19 -14.45 13.69
N ALA A 188 36.25 -13.53 13.62
CA ALA A 188 36.52 -12.10 13.86
C ALA A 188 37.03 -11.88 15.29
N GLN A 189 36.40 -12.56 16.25
CA GLN A 189 36.80 -12.45 17.65
C GLN A 189 38.15 -13.11 17.89
N LEU A 190 38.47 -14.13 17.10
CA LEU A 190 39.74 -14.82 17.23
C LEU A 190 40.88 -13.99 16.65
N GLU A 191 40.54 -13.07 15.75
CA GLU A 191 41.54 -12.20 15.13
C GLU A 191 41.56 -10.83 15.77
N GLY A 192 40.78 -10.67 16.85
CA GLY A 192 40.75 -9.43 17.60
C GLY A 192 40.01 -8.29 16.92
N ARG A 193 39.00 -8.64 16.13
CA ARG A 193 38.21 -7.64 15.43
C ARG A 193 36.81 -7.48 16.03
N ASP A 194 36.46 -6.25 16.37
CA ASP A 194 35.10 -5.93 16.81
C ASP A 194 34.40 -5.16 15.69
N LEU A 195 33.44 -5.82 15.05
CA LEU A 195 32.81 -5.27 13.85
C LEU A 195 31.46 -4.64 14.13
N THR A 196 31.01 -3.78 13.21
CA THR A 196 29.82 -2.97 13.41
C THR A 196 28.53 -3.73 13.12
N ASP A 197 28.56 -4.63 12.13
CA ASP A 197 27.38 -5.45 11.85
C ASP A 197 27.75 -6.88 11.45
N GLU A 198 26.73 -7.68 11.18
CA GLU A 198 26.91 -9.09 10.86
C GLU A 198 27.53 -9.27 9.48
N ALA A 199 27.18 -8.37 8.56
CA ALA A 199 27.70 -8.41 7.20
C ALA A 199 29.22 -8.30 7.21
N SER A 200 29.76 -7.45 8.08
CA SER A 200 31.19 -7.26 8.20
C SER A 200 31.92 -8.56 8.51
N ALA A 201 31.37 -9.34 9.42
CA ALA A 201 31.94 -10.64 9.76
C ALA A 201 31.87 -11.58 8.56
N ILE A 202 30.71 -11.57 7.89
CA ILE A 202 30.49 -12.38 6.70
C ILE A 202 31.49 -12.00 5.61
N GLU A 203 31.76 -10.71 5.48
CA GLU A 203 32.72 -10.21 4.51
C GLU A 203 34.14 -10.66 4.82
N TRP A 204 34.56 -10.45 6.07
CA TRP A 204 35.92 -10.79 6.49
C TRP A 204 36.14 -12.31 6.49
N ALA A 205 35.05 -13.06 6.50
CA ALA A 205 35.14 -14.52 6.44
C ALA A 205 35.32 -14.97 5.00
N GLY A 206 35.21 -14.03 4.06
CA GLY A 206 35.43 -14.31 2.65
C GLY A 206 34.17 -14.52 1.84
N HIS A 207 33.02 -14.18 2.41
CA HIS A 207 31.74 -14.34 1.71
C HIS A 207 31.23 -13.01 1.17
N THR A 208 30.33 -13.08 0.20
CA THR A 208 29.78 -11.89 -0.43
C THR A 208 28.29 -11.74 -0.13
N PRO A 209 27.94 -10.82 0.79
CA PRO A 209 26.56 -10.55 1.15
C PRO A 209 25.86 -9.65 0.13
N ARG A 210 24.53 -9.60 0.17
CA ARG A 210 23.76 -8.80 -0.76
C ARG A 210 23.15 -7.58 -0.09
N VAL A 211 22.72 -6.60 -0.88
CA VAL A 211 21.96 -5.48 -0.36
C VAL A 211 20.55 -5.48 -0.96
N VAL A 212 19.58 -5.17 -0.11
CA VAL A 212 18.21 -4.97 -0.55
C VAL A 212 17.81 -3.56 -0.13
N GLN A 213 17.10 -2.85 -1.00
CA GLN A 213 16.72 -1.47 -0.75
C GLN A 213 15.93 -1.32 0.55
N GLY A 214 16.47 -0.54 1.47
CA GLY A 214 15.80 -0.26 2.72
C GLY A 214 14.89 0.95 2.65
N SER A 215 14.61 1.54 3.81
CA SER A 215 13.75 2.71 3.89
C SER A 215 14.21 3.65 5.00
N LEU A 216 13.95 4.94 4.82
CA LEU A 216 14.34 5.92 5.83
C LEU A 216 13.44 5.80 7.06
N ARG A 217 12.28 5.18 6.87
CA ARG A 217 11.39 4.85 7.98
C ARG A 217 12.09 3.86 8.93
N ASN A 218 13.01 3.07 8.38
CA ASN A 218 13.72 2.05 9.14
C ASN A 218 14.99 2.61 9.80
N PHE A 219 15.05 3.94 9.95
CA PHE A 219 16.21 4.57 10.56
C PHE A 219 16.34 4.17 12.02
N LYS A 220 17.56 4.22 12.56
CA LYS A 220 17.76 3.86 13.96
C LYS A 220 17.79 5.11 14.85
N VAL A 221 17.08 5.02 15.97
CA VAL A 221 17.09 6.07 16.98
C VAL A 221 18.46 6.10 17.64
N THR A 222 19.15 7.24 17.56
CA THR A 222 20.52 7.33 18.03
C THR A 222 20.78 8.59 18.87
N TYR A 223 20.11 9.68 18.54
CA TYR A 223 20.34 10.93 19.24
C TYR A 223 19.03 11.70 19.45
N PRO A 224 18.85 12.30 20.64
CA PRO A 224 17.65 12.93 21.20
C PRO A 224 16.59 13.45 20.21
N GLU A 225 17.02 13.91 19.04
CA GLU A 225 16.09 14.35 18.00
C GLU A 225 15.25 13.18 17.47
N ASP A 226 15.88 12.00 17.42
CA ASP A 226 15.28 10.84 16.79
C ASP A 226 14.00 10.35 17.47
N PHE A 227 13.91 10.55 18.78
CA PHE A 227 12.77 10.06 19.55
C PHE A 227 11.45 10.68 19.07
N ASP A 228 11.38 12.00 19.09
CA ASP A 228 10.19 12.71 18.62
C ASP A 228 9.97 12.47 17.13
N LEU A 229 11.06 12.31 16.39
CA LEU A 229 11.00 12.06 14.97
C LEU A 229 10.38 10.71 14.69
N ALA A 230 10.83 9.69 15.42
CA ALA A 230 10.27 8.36 15.30
C ALA A 230 8.82 8.33 15.74
N GLU A 231 8.50 9.11 16.78
CA GLU A 231 7.13 9.22 17.27
C GLU A 231 6.25 9.85 16.19
N ALA A 232 6.85 10.65 15.33
CA ALA A 232 6.13 11.22 14.19
C ALA A 232 6.01 10.20 13.07
N ILE A 233 7.10 9.47 12.81
CA ILE A 233 7.10 8.43 11.79
C ILE A 233 6.14 7.32 12.20
N LEU A 234 6.28 6.85 13.44
CA LEU A 234 5.32 5.91 14.01
C LEU A 234 4.02 6.66 14.27
N ALA A 235 2.99 5.92 14.66
CA ALA A 235 1.65 6.47 14.80
C ALA A 235 1.20 7.16 13.51
N HIS A 236 1.48 6.51 12.38
CA HIS A 236 1.08 7.03 11.08
C HIS A 236 1.03 5.92 10.04
N MET B 5 30.05 50.60 10.54
CA MET B 5 30.07 49.22 10.08
C MET B 5 28.66 48.67 9.95
N VAL B 6 28.36 48.09 8.78
CA VAL B 6 27.02 47.59 8.50
C VAL B 6 26.97 46.07 8.57
N THR B 7 25.88 45.55 9.13
CA THR B 7 25.68 44.11 9.25
C THR B 7 25.33 43.51 7.89
N SER B 8 25.79 42.28 7.66
CA SER B 8 25.51 41.59 6.40
C SER B 8 24.05 41.15 6.32
N ARG B 9 23.42 41.39 5.18
CA ARG B 9 22.02 41.04 4.98
C ARG B 9 21.83 39.57 4.64
N LEU B 10 20.60 39.08 4.76
CA LEU B 10 20.29 37.68 4.52
C LEU B 10 19.38 37.50 3.32
N PHE B 11 19.84 36.69 2.36
CA PHE B 11 19.02 36.36 1.19
C PHE B 11 18.89 34.85 1.04
N ALA B 12 17.75 34.41 0.51
CA ALA B 12 17.50 33.00 0.27
C ALA B 12 17.37 32.73 -1.23
N LEU B 13 18.00 31.65 -1.69
CA LEU B 13 17.99 31.29 -3.10
C LEU B 13 17.52 29.85 -3.28
N ILE B 14 16.46 29.66 -4.05
CA ILE B 14 15.88 28.34 -4.24
C ILE B 14 15.98 27.90 -5.69
N PRO B 15 17.04 27.13 -6.02
CA PRO B 15 17.24 26.61 -7.37
C PRO B 15 16.16 25.61 -7.78
N CYS B 16 15.29 26.00 -8.71
CA CYS B 16 14.24 25.13 -9.21
C CYS B 16 14.26 25.10 -10.74
N ALA B 17 15.45 25.05 -11.32
CA ALA B 17 15.62 25.06 -12.76
C ALA B 17 16.21 23.74 -13.26
N LEU B 27 6.44 15.88 -14.80
CA LEU B 27 6.22 16.87 -13.76
C LEU B 27 7.42 16.93 -12.80
N PRO B 28 8.01 18.12 -12.66
CA PRO B 28 9.16 18.35 -11.76
C PRO B 28 8.87 17.91 -10.33
N LYS B 29 9.92 17.51 -9.61
CA LYS B 29 9.75 16.93 -8.29
C LYS B 29 9.38 17.98 -7.24
N GLN B 30 9.80 19.22 -7.46
CA GLN B 30 9.50 20.30 -6.52
C GLN B 30 8.07 20.79 -6.68
N TYR B 31 7.40 20.33 -7.74
CA TYR B 31 6.02 20.71 -7.98
C TYR B 31 5.07 19.57 -7.61
N ARG B 32 5.63 18.42 -7.26
CA ARG B 32 4.83 17.27 -6.87
C ARG B 32 4.11 17.52 -5.55
N THR B 33 2.84 17.17 -5.51
CA THR B 33 1.99 17.47 -4.36
C THR B 33 2.39 16.69 -3.12
N LEU B 34 2.68 17.42 -2.05
CA LEU B 34 2.96 16.82 -0.75
C LEU B 34 1.94 17.31 0.27
N ALA B 35 0.97 16.46 0.58
CA ALA B 35 -0.12 16.79 1.49
C ALA B 35 -0.88 18.05 1.06
N GLY B 36 -1.43 18.03 -0.15
CA GLY B 36 -2.25 19.11 -0.64
C GLY B 36 -1.50 20.31 -1.21
N ARG B 37 -0.20 20.39 -0.93
CA ARG B 37 0.61 21.50 -1.40
C ARG B 37 1.79 21.01 -2.22
N ALA B 38 2.29 21.86 -3.10
CA ALA B 38 3.49 21.54 -3.88
C ALA B 38 4.68 21.43 -2.96
N LEU B 39 5.70 20.69 -3.39
CA LEU B 39 6.89 20.45 -2.57
C LEU B 39 7.60 21.77 -2.25
N LEU B 40 7.61 22.67 -3.22
CA LEU B 40 8.29 23.96 -3.07
C LEU B 40 7.66 24.83 -1.98
N HIS B 41 6.36 24.65 -1.77
CA HIS B 41 5.61 25.47 -0.81
C HIS B 41 6.20 25.40 0.60
N TYR B 42 6.61 24.22 1.02
CA TYR B 42 7.14 24.02 2.37
C TYR B 42 8.45 24.76 2.57
N THR B 43 9.27 24.81 1.52
CA THR B 43 10.53 25.53 1.56
C THR B 43 10.29 27.04 1.64
N LEU B 44 9.38 27.54 0.82
CA LEU B 44 9.04 28.96 0.82
C LEU B 44 8.43 29.38 2.15
N ALA B 45 7.56 28.54 2.70
CA ALA B 45 6.89 28.84 3.96
C ALA B 45 7.88 28.93 5.12
N ALA B 46 8.95 28.14 5.03
CA ALA B 46 9.97 28.11 6.08
C ALA B 46 10.72 29.44 6.13
N PHE B 47 11.20 29.89 4.98
CA PHE B 47 11.92 31.16 4.91
C PHE B 47 10.99 32.35 5.12
N ASP B 48 9.73 32.20 4.70
CA ASP B 48 8.74 33.27 4.86
C ASP B 48 8.49 33.55 6.34
N ALA B 49 8.65 32.54 7.18
CA ALA B 49 8.46 32.68 8.62
C ALA B 49 9.65 33.40 9.26
N CYS B 50 10.75 33.48 8.51
CA CYS B 50 11.95 34.17 8.98
C CYS B 50 11.99 35.59 8.42
N SER B 51 11.38 36.52 9.14
CA SER B 51 11.23 37.89 8.65
C SER B 51 12.54 38.68 8.64
N GLU B 52 13.61 38.06 9.13
CA GLU B 52 14.91 38.72 9.13
C GLU B 52 15.57 38.65 7.76
N PHE B 53 15.01 37.84 6.86
CA PHE B 53 15.51 37.75 5.50
C PHE B 53 15.09 38.98 4.69
N ALA B 54 15.99 39.42 3.81
CA ALA B 54 15.69 40.56 2.94
C ALA B 54 14.71 40.13 1.86
N GLN B 55 14.99 39.01 1.22
CA GLN B 55 14.14 38.48 0.16
C GLN B 55 14.48 37.02 -0.15
N THR B 56 13.48 36.26 -0.57
CA THR B 56 13.69 34.91 -1.06
C THR B 56 13.57 34.90 -2.59
N LEU B 57 14.54 34.32 -3.27
CA LEU B 57 14.53 34.27 -4.73
C LEU B 57 14.37 32.84 -5.24
N VAL B 58 13.32 32.62 -6.03
CA VAL B 58 13.11 31.34 -6.68
C VAL B 58 13.60 31.43 -8.12
N VAL B 59 14.53 30.55 -8.48
CA VAL B 59 15.04 30.51 -9.84
C VAL B 59 14.42 29.33 -10.58
N ILE B 60 13.74 29.62 -11.68
CA ILE B 60 13.15 28.59 -12.52
C ILE B 60 13.71 28.67 -13.93
N SER B 61 13.60 27.58 -14.68
CA SER B 61 14.09 27.55 -16.05
C SER B 61 13.22 28.43 -16.95
N PRO B 62 13.87 29.14 -17.89
CA PRO B 62 13.19 29.98 -18.88
C PRO B 62 12.05 29.27 -19.60
N ASP B 63 12.15 27.96 -19.73
CA ASP B 63 11.15 27.18 -20.47
C ASP B 63 10.20 26.42 -19.54
N ASP B 64 10.11 26.86 -18.29
CA ASP B 64 9.21 26.24 -17.31
C ASP B 64 7.76 26.49 -17.70
N ALA B 65 6.95 25.46 -17.64
CA ALA B 65 5.54 25.56 -18.02
C ALA B 65 4.63 25.00 -16.94
N HIS B 66 5.19 24.72 -15.77
CA HIS B 66 4.42 24.17 -14.66
C HIS B 66 4.25 25.17 -13.54
N PHE B 67 5.22 26.07 -13.38
CA PHE B 67 5.24 26.99 -12.24
C PHE B 67 4.08 27.98 -12.28
N ASP B 68 3.40 28.12 -11.14
CA ASP B 68 2.32 29.07 -10.98
C ASP B 68 2.42 29.74 -9.63
N ALA B 69 2.74 31.02 -9.62
CA ALA B 69 3.00 31.77 -8.38
C ALA B 69 1.75 31.88 -7.51
N ARG B 70 0.58 31.66 -8.10
CA ARG B 70 -0.68 31.70 -7.38
C ARG B 70 -0.79 30.56 -6.36
N ARG B 71 -0.04 29.49 -6.60
CA ARG B 71 -0.06 28.33 -5.71
C ARG B 71 0.69 28.62 -4.42
N PHE B 72 1.45 29.70 -4.41
CA PHE B 72 2.24 30.07 -3.23
C PHE B 72 1.92 31.50 -2.78
N ALA B 73 0.65 31.86 -2.81
CA ALA B 73 0.21 33.19 -2.43
C ALA B 73 0.32 33.39 -0.91
N GLY B 74 0.64 34.61 -0.51
CA GLY B 74 0.78 34.94 0.91
C GLY B 74 2.21 34.81 1.39
N LEU B 75 3.06 34.20 0.57
CA LEU B 75 4.46 34.00 0.92
C LEU B 75 5.35 35.07 0.26
N ARG B 76 6.34 35.55 1.00
CA ARG B 76 7.23 36.59 0.51
C ARG B 76 8.41 36.00 -0.25
N PHE B 77 8.38 36.14 -1.58
CA PHE B 77 9.45 35.63 -2.43
C PHE B 77 9.42 36.26 -3.81
N ALA B 78 10.54 36.17 -4.53
CA ALA B 78 10.62 36.66 -5.89
C ALA B 78 10.98 35.53 -6.85
N VAL B 79 10.54 35.66 -8.10
CA VAL B 79 10.80 34.64 -9.11
C VAL B 79 11.52 35.26 -10.31
N ARG B 80 12.60 34.60 -10.74
CA ARG B 80 13.31 35.01 -11.94
C ARG B 80 13.60 33.81 -12.84
N ARG B 81 13.27 33.93 -14.12
CA ARG B 81 13.49 32.84 -15.06
C ARG B 81 14.93 32.88 -15.59
N CYS B 82 15.89 32.74 -14.68
CA CYS B 82 17.29 32.83 -15.04
C CYS B 82 18.02 31.51 -14.87
N GLY B 83 17.30 30.41 -15.11
CA GLY B 83 17.89 29.09 -14.99
C GLY B 83 18.92 28.79 -16.07
N GLY B 84 19.90 27.95 -15.74
CA GLY B 84 20.95 27.59 -16.67
C GLY B 84 20.93 26.13 -17.09
N ALA B 85 22.01 25.69 -17.72
CA ALA B 85 22.12 24.31 -18.17
C ALA B 85 22.33 23.36 -16.99
N SER B 86 23.18 23.75 -16.07
CA SER B 86 23.44 22.96 -14.87
C SER B 86 22.91 23.67 -13.63
N ARG B 87 22.88 22.97 -12.50
CA ARG B 87 22.41 23.55 -11.26
C ARG B 87 23.32 24.67 -10.79
N GLN B 88 24.62 24.46 -10.94
CA GLN B 88 25.63 25.44 -10.55
C GLN B 88 25.46 26.73 -11.34
N ALA B 89 25.04 26.59 -12.59
CA ALA B 89 24.79 27.74 -13.45
C ALA B 89 23.57 28.53 -12.97
N SER B 90 22.54 27.81 -12.56
CA SER B 90 21.31 28.43 -12.07
C SER B 90 21.55 29.18 -10.77
N VAL B 91 22.43 28.63 -9.94
CA VAL B 91 22.76 29.26 -8.66
C VAL B 91 23.53 30.55 -8.90
N MET B 92 24.52 30.50 -9.79
CA MET B 92 25.33 31.66 -10.10
C MET B 92 24.48 32.78 -10.70
N ASN B 93 23.61 32.42 -11.64
CA ASN B 93 22.71 33.38 -12.26
C ASN B 93 21.78 33.99 -11.23
N GLY B 94 21.37 33.18 -10.26
CA GLY B 94 20.53 33.64 -9.18
C GLY B 94 21.26 34.64 -8.30
N LEU B 95 22.54 34.38 -8.07
CA LEU B 95 23.37 35.28 -7.27
C LEU B 95 23.51 36.64 -7.94
N ILE B 96 23.66 36.62 -9.25
CA ILE B 96 23.77 37.86 -10.04
C ILE B 96 22.46 38.64 -9.96
N GLN B 97 21.34 37.90 -9.93
CA GLN B 97 20.02 38.52 -9.89
C GLN B 97 19.71 39.13 -8.53
N LEU B 98 20.40 38.67 -7.49
CA LEU B 98 20.16 39.17 -6.14
C LEU B 98 20.57 40.63 -6.00
N ALA B 99 21.53 41.05 -6.82
CA ALA B 99 22.03 42.42 -6.77
C ALA B 99 20.94 43.43 -7.07
N GLU B 100 19.99 43.04 -7.93
CA GLU B 100 18.87 43.90 -8.29
C GLU B 100 17.96 44.14 -7.08
N PHE B 101 18.03 43.24 -6.11
CA PHE B 101 17.26 43.36 -4.88
C PHE B 101 18.06 44.13 -3.83
N GLY B 102 19.24 44.59 -4.21
CA GLY B 102 20.08 45.40 -3.34
C GLY B 102 21.13 44.61 -2.57
N ALA B 103 21.39 43.38 -3.02
CA ALA B 103 22.36 42.52 -2.37
C ALA B 103 23.79 42.89 -2.75
N THR B 104 24.67 42.96 -1.76
CA THR B 104 26.09 43.21 -2.01
C THR B 104 26.88 41.91 -1.93
N ASP B 105 28.16 41.98 -2.25
CA ASP B 105 29.01 40.79 -2.29
C ASP B 105 29.36 40.27 -0.90
N ALA B 106 29.10 41.07 0.13
CA ALA B 106 29.41 40.68 1.50
C ALA B 106 28.16 40.15 2.21
N ASP B 107 27.03 40.18 1.52
CA ASP B 107 25.78 39.69 2.09
C ASP B 107 25.73 38.17 2.09
N TRP B 108 24.97 37.61 3.02
CA TRP B 108 24.81 36.16 3.11
C TRP B 108 23.73 35.67 2.15
N VAL B 109 23.98 34.53 1.52
CA VAL B 109 22.96 33.85 0.74
C VAL B 109 22.82 32.43 1.26
N LEU B 110 21.59 31.99 1.48
CA LEU B 110 21.32 30.63 1.90
C LEU B 110 20.63 29.87 0.76
N VAL B 111 21.35 28.91 0.19
CA VAL B 111 20.82 28.12 -0.91
C VAL B 111 20.23 26.83 -0.39
N HIS B 112 18.94 26.63 -0.61
CA HIS B 112 18.26 25.45 -0.08
C HIS B 112 17.66 24.58 -1.18
N ASP B 113 17.84 23.27 -1.04
CA ASP B 113 17.25 22.30 -1.94
C ASP B 113 15.77 22.15 -1.63
N ALA B 114 14.92 22.38 -2.63
CA ALA B 114 13.48 22.28 -2.46
C ALA B 114 13.04 20.83 -2.23
N ALA B 115 13.96 19.89 -2.44
CA ALA B 115 13.69 18.48 -2.20
C ALA B 115 13.80 18.15 -0.72
N ARG B 116 14.02 19.18 0.10
CA ARG B 116 14.05 19.01 1.55
C ARG B 116 12.98 19.88 2.19
N PRO B 117 11.72 19.40 2.16
CA PRO B 117 10.57 20.17 2.66
C PRO B 117 10.50 20.25 4.18
N GLY B 118 11.24 19.38 4.86
CA GLY B 118 11.23 19.33 6.31
C GLY B 118 12.04 20.43 6.99
N ILE B 119 12.51 21.38 6.20
CA ILE B 119 13.32 22.48 6.72
C ILE B 119 12.49 23.36 7.64
N THR B 120 13.07 23.72 8.78
CA THR B 120 12.37 24.53 9.77
C THR B 120 13.06 25.88 9.98
N PRO B 121 12.28 26.90 10.34
CA PRO B 121 12.84 28.21 10.72
C PRO B 121 13.86 28.10 11.84
N ALA B 122 13.65 27.14 12.75
CA ALA B 122 14.56 26.92 13.87
C ALA B 122 15.92 26.45 13.38
N LEU B 123 15.92 25.52 12.44
CA LEU B 123 17.15 24.99 11.87
C LEU B 123 17.87 26.06 11.05
N ILE B 124 17.09 26.84 10.29
CA ILE B 124 17.63 27.94 9.51
C ILE B 124 18.32 28.95 10.43
N ARG B 125 17.65 29.30 11.52
CA ARG B 125 18.20 30.28 12.46
C ARG B 125 19.35 29.68 13.27
N THR B 126 19.43 28.36 13.32
CA THR B 126 20.54 27.67 13.97
C THR B 126 21.80 27.82 13.11
N LEU B 127 21.62 27.67 11.80
CA LEU B 127 22.72 27.82 10.85
C LEU B 127 23.24 29.26 10.82
N ILE B 128 22.30 30.20 10.75
CA ILE B 128 22.65 31.62 10.71
C ILE B 128 23.33 32.06 11.99
N GLY B 129 22.77 31.65 13.13
CA GLY B 129 23.30 32.06 14.42
C GLY B 129 24.65 31.49 14.78
N ALA B 130 25.17 30.59 13.94
CA ALA B 130 26.43 29.94 14.22
C ALA B 130 27.54 30.35 13.25
N LEU B 131 27.16 30.95 12.13
CA LEU B 131 28.13 31.25 11.08
C LEU B 131 28.05 32.67 10.55
N LYS B 132 27.21 33.51 11.17
CA LYS B 132 26.98 34.86 10.67
C LYS B 132 28.22 35.75 10.76
N ASP B 133 29.16 35.36 11.61
CA ASP B 133 30.40 36.12 11.78
C ASP B 133 31.60 35.39 11.21
N ASP B 134 31.35 34.26 10.56
CA ASP B 134 32.40 33.51 9.88
C ASP B 134 32.73 34.18 8.55
N PRO B 135 34.03 34.24 8.19
CA PRO B 135 34.43 34.86 6.93
C PRO B 135 33.97 34.10 5.70
N VAL B 136 33.75 32.79 5.83
CA VAL B 136 33.34 31.96 4.71
C VAL B 136 31.90 31.49 4.88
N GLY B 137 31.61 30.91 6.03
CA GLY B 137 30.29 30.36 6.30
C GLY B 137 30.32 28.84 6.36
N GLY B 138 29.23 28.20 5.97
CA GLY B 138 29.16 26.75 5.99
C GLY B 138 27.79 26.18 5.68
N ILE B 139 27.60 24.91 6.02
CA ILE B 139 26.38 24.18 5.68
C ILE B 139 25.83 23.43 6.89
N VAL B 140 24.58 23.02 6.82
CA VAL B 140 24.03 22.07 7.78
C VAL B 140 24.37 20.67 7.29
N ALA B 141 24.73 19.78 8.22
CA ALA B 141 25.16 18.44 7.84
C ALA B 141 24.93 17.43 8.96
N LEU B 142 24.92 16.15 8.60
CA LEU B 142 24.76 15.07 9.56
C LEU B 142 25.90 14.07 9.44
N PRO B 143 26.46 13.65 10.59
CA PRO B 143 27.51 12.63 10.61
C PRO B 143 27.01 11.29 10.07
N VAL B 144 27.86 10.58 9.33
CA VAL B 144 27.53 9.25 8.87
C VAL B 144 27.50 8.32 10.07
N ALA B 145 26.31 7.90 10.47
CA ALA B 145 26.15 7.07 11.65
C ALA B 145 26.07 5.58 11.30
N ASP B 146 25.59 5.29 10.10
CA ASP B 146 25.39 3.92 9.66
C ASP B 146 26.68 3.31 9.09
N THR B 147 26.75 1.98 9.13
CA THR B 147 27.87 1.25 8.53
C THR B 147 27.89 1.47 7.02
N LEU B 148 29.05 1.84 6.49
CA LEU B 148 29.17 2.09 5.06
C LEU B 148 29.63 0.85 4.30
N LYS B 149 28.86 0.48 3.27
CA LYS B 149 29.20 -0.63 2.40
C LYS B 149 29.47 -0.15 0.99
N ARG B 150 30.50 -0.70 0.36
CA ARG B 150 30.77 -0.39 -1.03
C ARG B 150 30.12 -1.42 -1.95
N VAL B 151 29.19 -0.95 -2.77
CA VAL B 151 28.49 -1.81 -3.71
C VAL B 151 28.63 -1.26 -5.12
N PRO B 152 29.23 -2.06 -6.03
CA PRO B 152 29.38 -1.66 -7.43
C PRO B 152 28.06 -1.24 -8.06
N ALA B 153 28.03 -0.03 -8.62
CA ALA B 153 26.80 0.53 -9.18
C ALA B 153 26.20 -0.37 -10.25
N GLY B 154 24.94 -0.75 -10.05
CA GLY B 154 24.26 -1.64 -10.96
C GLY B 154 24.01 -3.02 -10.39
N GLY B 155 24.77 -3.38 -9.35
CA GLY B 155 24.64 -4.69 -8.73
C GLY B 155 24.10 -4.64 -7.31
N ASP B 156 24.10 -5.79 -6.65
CA ASP B 156 23.61 -5.86 -5.27
C ASP B 156 24.61 -6.54 -4.34
N ALA B 157 25.81 -6.80 -4.84
CA ALA B 157 26.84 -7.47 -4.05
C ALA B 157 27.70 -6.47 -3.29
N ILE B 158 27.90 -6.74 -2.00
CA ILE B 158 28.76 -5.91 -1.17
C ILE B 158 30.22 -6.26 -1.45
N GLU B 159 31.00 -5.27 -1.87
CA GLU B 159 32.41 -5.47 -2.15
C GLU B 159 33.22 -5.49 -0.86
N ARG B 160 32.99 -4.49 0.00
CA ARG B 160 33.70 -4.37 1.26
C ARG B 160 33.04 -3.34 2.18
N THR B 161 33.56 -3.22 3.39
CA THR B 161 33.10 -2.19 4.32
C THR B 161 34.09 -1.04 4.36
N GLU B 162 33.59 0.18 4.17
CA GLU B 162 34.44 1.37 4.17
C GLU B 162 34.36 2.10 5.50
N SER B 163 35.47 2.70 5.91
CA SER B 163 35.52 3.48 7.15
C SER B 163 34.67 4.75 7.02
N ARG B 164 33.96 5.09 8.09
CA ARG B 164 33.10 6.27 8.10
C ARG B 164 33.69 7.38 8.97
N ASN B 165 34.95 7.22 9.36
CA ASN B 165 35.63 8.18 10.23
C ASN B 165 35.73 9.56 9.59
N GLY B 166 35.13 10.55 10.24
CA GLY B 166 35.22 11.93 9.79
C GLY B 166 34.33 12.29 8.60
N LEU B 167 33.40 11.40 8.26
CA LEU B 167 32.52 11.64 7.12
C LEU B 167 31.19 12.24 7.56
N TRP B 168 30.71 13.21 6.78
CA TRP B 168 29.44 13.88 7.06
C TRP B 168 28.56 13.90 5.83
N GLN B 169 27.25 13.85 6.05
CA GLN B 169 26.28 13.96 4.97
C GLN B 169 25.82 15.40 4.83
N ALA B 170 26.17 16.03 3.71
CA ALA B 170 25.85 17.43 3.48
C ALA B 170 24.36 17.63 3.22
N GLN B 171 23.79 18.65 3.86
CA GLN B 171 22.41 19.05 3.62
C GLN B 171 22.34 20.51 3.20
N THR B 172 21.12 21.00 2.98
CA THR B 172 20.89 22.42 2.72
C THR B 172 19.97 22.95 3.82
N PRO B 173 19.96 24.27 4.06
CA PRO B 173 20.62 25.40 3.38
C PRO B 173 22.15 25.39 3.45
N GLN B 174 22.78 26.01 2.45
CA GLN B 174 24.21 26.21 2.45
C GLN B 174 24.48 27.72 2.47
N MET B 175 25.23 28.16 3.48
CA MET B 175 25.36 29.57 3.79
C MET B 175 26.76 30.12 3.47
N PHE B 176 26.84 30.96 2.45
CA PHE B 176 28.11 31.55 2.04
C PHE B 176 27.92 33.00 1.59
N ARG B 177 29.03 33.72 1.43
CA ARG B 177 29.00 35.09 0.93
C ARG B 177 28.64 35.10 -0.55
N ILE B 178 27.82 36.06 -0.95
CA ILE B 178 27.33 36.15 -2.32
C ILE B 178 28.50 36.31 -3.30
N GLY B 179 29.38 37.26 -3.00
CA GLY B 179 30.53 37.52 -3.87
C GLY B 179 31.51 36.37 -3.96
N MET B 180 31.82 35.78 -2.81
CA MET B 180 32.77 34.68 -2.75
C MET B 180 32.23 33.45 -3.48
N LEU B 181 30.95 33.16 -3.28
CA LEU B 181 30.32 31.99 -3.90
C LEU B 181 30.18 32.17 -5.42
N ARG B 182 29.80 33.38 -5.83
CA ARG B 182 29.62 33.66 -7.25
C ARG B 182 30.91 33.47 -8.02
N ASP B 183 32.00 34.04 -7.49
CA ASP B 183 33.31 33.93 -8.12
C ASP B 183 33.83 32.50 -8.08
N ALA B 184 33.44 31.76 -7.03
CA ALA B 184 33.87 30.37 -6.88
C ALA B 184 33.22 29.48 -7.93
N ILE B 185 31.94 29.70 -8.19
CA ILE B 185 31.22 28.92 -9.19
C ILE B 185 31.71 29.31 -10.58
N GLN B 186 31.93 30.59 -10.79
CA GLN B 186 32.40 31.10 -12.07
C GLN B 186 33.80 30.59 -12.39
N ARG B 187 34.63 30.43 -11.37
CA ARG B 187 35.99 29.95 -11.55
C ARG B 187 35.98 28.48 -11.99
N ALA B 188 35.04 27.72 -11.44
CA ALA B 188 34.92 26.30 -11.77
C ALA B 188 34.28 26.12 -13.15
N GLN B 189 33.41 27.06 -13.53
CA GLN B 189 32.78 27.03 -14.84
C GLN B 189 33.81 27.28 -15.94
N LEU B 190 34.77 28.14 -15.66
CA LEU B 190 35.84 28.44 -16.62
C LEU B 190 36.81 27.28 -16.72
N GLU B 191 36.90 26.49 -15.65
CA GLU B 191 37.79 25.34 -15.61
C GLU B 191 37.08 24.07 -16.06
N GLY B 192 35.79 24.21 -16.39
CA GLY B 192 34.98 23.07 -16.81
C GLY B 192 34.88 22.00 -15.74
N ARG B 193 34.81 22.44 -14.49
CA ARG B 193 34.82 21.54 -13.35
C ARG B 193 33.43 21.32 -12.79
N ASP B 194 32.92 20.11 -12.95
CA ASP B 194 31.58 19.75 -12.47
C ASP B 194 31.56 19.73 -10.94
N LEU B 195 30.52 20.32 -10.36
CA LEU B 195 30.42 20.43 -8.92
C LEU B 195 29.12 19.82 -8.40
N THR B 196 29.10 19.51 -7.10
CA THR B 196 27.91 18.95 -6.46
C THR B 196 27.10 20.06 -5.80
N ASP B 197 27.48 20.44 -4.58
CA ASP B 197 26.80 21.50 -3.86
C ASP B 197 27.59 22.80 -3.88
N GLU B 198 27.08 23.82 -3.19
CA GLU B 198 27.74 25.12 -3.15
C GLU B 198 29.02 25.05 -2.33
N ALA B 199 29.05 24.16 -1.35
CA ALA B 199 30.22 24.00 -0.50
C ALA B 199 31.42 23.53 -1.32
N SER B 200 31.18 22.61 -2.26
CA SER B 200 32.24 22.08 -3.11
C SER B 200 32.87 23.17 -3.97
N ALA B 201 32.06 24.15 -4.37
CA ALA B 201 32.56 25.29 -5.13
C ALA B 201 33.51 26.12 -4.27
N ILE B 202 33.13 26.30 -3.01
CA ILE B 202 33.90 27.07 -2.05
C ILE B 202 35.22 26.36 -1.74
N GLU B 203 35.15 25.05 -1.56
CA GLU B 203 36.32 24.24 -1.25
C GLU B 203 37.36 24.28 -2.36
N TRP B 204 36.87 24.24 -3.61
CA TRP B 204 37.75 24.24 -4.76
C TRP B 204 38.41 25.60 -4.95
N ALA B 205 37.80 26.63 -4.39
CA ALA B 205 38.33 27.98 -4.49
C ALA B 205 39.34 28.27 -3.39
N GLY B 206 39.64 27.25 -2.60
CA GLY B 206 40.66 27.36 -1.56
C GLY B 206 40.16 27.93 -0.25
N HIS B 207 38.84 27.93 -0.05
CA HIS B 207 38.26 28.40 1.19
C HIS B 207 37.76 27.22 2.02
N THR B 208 37.50 27.47 3.30
CA THR B 208 37.09 26.40 4.21
C THR B 208 35.69 26.61 4.78
N PRO B 209 34.71 25.89 4.21
CA PRO B 209 33.35 25.88 4.76
C PRO B 209 33.30 25.12 6.08
N ARG B 210 32.24 25.34 6.86
CA ARG B 210 32.09 24.65 8.14
C ARG B 210 30.80 23.84 8.17
N VAL B 211 30.67 22.96 9.16
CA VAL B 211 29.47 22.15 9.29
C VAL B 211 28.70 22.51 10.56
N VAL B 212 27.38 22.57 10.42
CA VAL B 212 26.50 22.76 11.56
C VAL B 212 25.58 21.55 11.62
N GLN B 213 25.26 21.09 12.83
CA GLN B 213 24.41 19.92 13.00
C GLN B 213 23.06 20.09 12.30
N GLY B 214 22.79 19.20 11.35
CA GLY B 214 21.52 19.22 10.63
C GLY B 214 20.44 18.43 11.33
N SER B 215 19.53 17.87 10.55
CA SER B 215 18.42 17.10 11.10
C SER B 215 17.91 16.06 10.11
N LEU B 216 17.46 14.93 10.64
CA LEU B 216 16.91 13.86 9.80
C LEU B 216 15.56 14.28 9.22
N ARG B 217 14.93 15.28 9.85
CA ARG B 217 13.69 15.86 9.33
C ARG B 217 13.96 16.60 8.03
N ASN B 218 15.18 17.07 7.87
CA ASN B 218 15.58 17.85 6.69
C ASN B 218 16.11 16.93 5.60
N PHE B 219 15.60 15.70 5.56
CA PHE B 219 16.08 14.72 4.59
C PHE B 219 15.61 15.08 3.18
N LYS B 220 16.38 14.63 2.19
CA LYS B 220 16.07 14.87 0.80
C LYS B 220 15.13 13.80 0.26
N VAL B 221 14.08 14.22 -0.45
CA VAL B 221 13.14 13.26 -1.02
C VAL B 221 13.63 12.79 -2.38
N THR B 222 13.70 11.47 -2.55
CA THR B 222 14.18 10.89 -3.80
C THR B 222 13.27 9.75 -4.25
N TYR B 223 12.99 8.84 -3.34
CA TYR B 223 12.14 7.68 -3.63
C TYR B 223 10.67 8.00 -3.37
N PRO B 224 9.76 7.26 -4.02
CA PRO B 224 8.32 7.47 -3.84
C PRO B 224 7.85 7.36 -2.39
N GLU B 225 8.46 6.45 -1.64
CA GLU B 225 8.05 6.23 -0.25
C GLU B 225 8.51 7.37 0.66
N ASP B 226 9.42 8.20 0.16
CA ASP B 226 9.90 9.34 0.94
C ASP B 226 8.80 10.40 1.07
N PHE B 227 7.88 10.43 0.12
CA PHE B 227 6.77 11.36 0.16
C PHE B 227 5.78 10.98 1.26
N ASP B 228 5.56 9.68 1.42
CA ASP B 228 4.74 9.19 2.53
C ASP B 228 5.42 9.49 3.85
N LEU B 229 6.75 9.38 3.86
CA LEU B 229 7.53 9.66 5.04
C LEU B 229 7.51 11.16 5.35
N ALA B 230 7.66 11.98 4.32
CA ALA B 230 7.66 13.43 4.49
C ALA B 230 6.30 13.92 4.96
N GLU B 231 5.24 13.27 4.51
CA GLU B 231 3.88 13.64 4.89
C GLU B 231 3.63 13.37 6.38
N ALA B 232 4.34 12.38 6.92
CA ALA B 232 4.21 12.03 8.33
C ALA B 232 4.96 13.01 9.21
N ILE B 233 6.14 13.42 8.77
CA ILE B 233 6.97 14.34 9.53
C ILE B 233 6.34 15.73 9.58
N LEU B 234 5.83 16.19 8.44
CA LEU B 234 5.19 17.50 8.36
C LEU B 234 3.91 17.56 9.19
N ALA B 235 3.20 16.44 9.26
CA ALA B 235 1.93 16.38 9.98
C ALA B 235 2.14 16.49 11.49
N HIS B 236 3.26 15.96 11.97
CA HIS B 236 3.57 15.99 13.40
C HIS B 236 4.89 16.69 13.68
N PRO B 237 4.87 18.03 13.73
CA PRO B 237 6.07 18.82 14.01
C PRO B 237 6.52 18.71 15.46
N MET C 5 -12.68 -48.72 5.15
CA MET C 5 -12.10 -47.62 4.38
C MET C 5 -12.67 -47.58 2.96
N VAL C 6 -13.82 -46.94 2.80
CA VAL C 6 -14.47 -46.82 1.50
C VAL C 6 -14.53 -45.36 1.08
N THR C 7 -14.28 -45.11 -0.20
CA THR C 7 -14.28 -43.75 -0.74
C THR C 7 -15.71 -43.24 -0.90
N SER C 8 -15.94 -42.00 -0.46
CA SER C 8 -17.26 -41.38 -0.55
C SER C 8 -17.62 -41.05 -2.00
N ARG C 9 -18.89 -41.28 -2.35
CA ARG C 9 -19.37 -41.00 -3.69
C ARG C 9 -19.84 -39.55 -3.82
N LEU C 10 -20.04 -39.10 -5.05
CA LEU C 10 -20.42 -37.71 -5.31
C LEU C 10 -21.84 -37.60 -5.85
N PHE C 11 -22.66 -36.80 -5.16
CA PHE C 11 -24.04 -36.57 -5.59
C PHE C 11 -24.31 -35.07 -5.70
N ALA C 12 -25.15 -34.68 -6.66
CA ALA C 12 -25.54 -33.29 -6.81
C ALA C 12 -27.03 -33.12 -6.53
N LEU C 13 -27.37 -32.06 -5.80
CA LEU C 13 -28.75 -31.79 -5.43
C LEU C 13 -29.15 -30.38 -5.85
N ILE C 14 -30.20 -30.28 -6.67
CA ILE C 14 -30.64 -29.00 -7.19
C ILE C 14 -32.09 -28.76 -6.82
N PRO C 15 -32.34 -27.93 -5.80
CA PRO C 15 -33.70 -27.63 -5.35
C PRO C 15 -34.37 -26.54 -6.17
N CYS C 16 -35.46 -26.90 -6.86
CA CYS C 16 -36.21 -25.96 -7.69
C CYS C 16 -37.68 -25.97 -7.31
N ALA C 17 -37.96 -26.09 -6.02
CA ALA C 17 -39.33 -26.14 -5.53
C ALA C 17 -39.70 -24.86 -4.79
N LEU C 27 -43.42 -16.29 -13.66
CA LEU C 27 -42.63 -17.37 -14.22
C LEU C 27 -41.42 -17.69 -13.34
N PRO C 28 -41.29 -18.95 -12.90
CA PRO C 28 -40.15 -19.40 -12.10
C PRO C 28 -38.82 -19.11 -12.77
N LYS C 29 -37.83 -18.71 -11.98
CA LYS C 29 -36.54 -18.28 -12.51
C LYS C 29 -35.81 -19.41 -13.26
N GLN C 30 -35.92 -20.63 -12.76
CA GLN C 30 -35.19 -21.75 -13.33
C GLN C 30 -35.73 -22.17 -14.70
N TYR C 31 -36.91 -21.66 -15.04
CA TYR C 31 -37.53 -21.98 -16.33
C TYR C 31 -37.45 -20.81 -17.30
N ARG C 32 -36.80 -19.73 -16.88
CA ARG C 32 -36.60 -18.57 -17.74
C ARG C 32 -35.55 -18.89 -18.80
N THR C 33 -35.73 -18.35 -20.00
CA THR C 33 -34.87 -18.70 -21.13
C THR C 33 -33.67 -17.76 -21.26
N LEU C 34 -32.47 -18.34 -21.20
CA LEU C 34 -31.25 -17.60 -21.41
C LEU C 34 -30.46 -18.22 -22.57
N ALA C 35 -30.24 -17.43 -23.61
CA ALA C 35 -29.52 -17.87 -24.80
C ALA C 35 -30.13 -19.13 -25.40
N GLY C 36 -31.46 -19.20 -25.42
CA GLY C 36 -32.15 -20.33 -25.99
C GLY C 36 -32.40 -21.49 -25.03
N ARG C 37 -31.68 -21.50 -23.92
CA ARG C 37 -31.82 -22.56 -22.94
C ARG C 37 -32.46 -22.07 -21.65
N ALA C 38 -33.20 -22.95 -20.98
CA ALA C 38 -33.75 -22.64 -19.67
C ALA C 38 -32.62 -22.44 -18.68
N LEU C 39 -32.88 -21.68 -17.62
CA LEU C 39 -31.85 -21.36 -16.64
C LEU C 39 -31.30 -22.62 -15.97
N LEU C 40 -32.18 -23.58 -15.70
CA LEU C 40 -31.81 -24.83 -15.04
C LEU C 40 -30.86 -25.67 -15.89
N HIS C 41 -30.96 -25.52 -17.21
CA HIS C 41 -30.17 -26.32 -18.15
C HIS C 41 -28.67 -26.15 -17.92
N TYR C 42 -28.25 -24.92 -17.64
CA TYR C 42 -26.84 -24.62 -17.47
C TYR C 42 -26.23 -25.29 -16.25
N THR C 43 -27.02 -25.39 -15.18
CA THR C 43 -26.59 -26.07 -13.97
C THR C 43 -26.52 -27.58 -14.20
N LEU C 44 -27.53 -28.12 -14.89
CA LEU C 44 -27.57 -29.54 -15.21
C LEU C 44 -26.41 -29.95 -16.10
N ALA C 45 -26.15 -29.14 -17.13
CA ALA C 45 -25.09 -29.44 -18.09
C ALA C 45 -23.71 -29.39 -17.43
N ALA C 46 -23.56 -28.53 -16.43
CA ALA C 46 -22.29 -28.36 -15.74
C ALA C 46 -21.94 -29.60 -14.91
N PHE C 47 -22.93 -30.15 -14.23
CA PHE C 47 -22.72 -31.37 -13.45
C PHE C 47 -22.69 -32.59 -14.35
N ASP C 48 -23.40 -32.53 -15.48
CA ASP C 48 -23.43 -33.62 -16.44
C ASP C 48 -22.05 -33.85 -17.05
N ALA C 49 -21.28 -32.78 -17.17
CA ALA C 49 -19.93 -32.86 -17.72
C ALA C 49 -18.98 -33.53 -16.75
N CYS C 50 -19.39 -33.65 -15.49
CA CYS C 50 -18.59 -34.32 -14.47
C CYS C 50 -19.06 -35.75 -14.26
N SER C 51 -18.44 -36.68 -14.99
CA SER C 51 -18.86 -38.08 -14.98
C SER C 51 -18.50 -38.78 -13.67
N GLU C 52 -17.74 -38.11 -12.82
CA GLU C 52 -17.35 -38.69 -11.54
C GLU C 52 -18.53 -38.73 -10.57
N PHE C 53 -19.53 -37.90 -10.83
CA PHE C 53 -20.75 -37.89 -10.01
C PHE C 53 -21.54 -39.19 -10.21
N ALA C 54 -22.20 -39.63 -9.15
CA ALA C 54 -23.03 -40.83 -9.23
C ALA C 54 -24.37 -40.53 -9.89
N GLN C 55 -24.99 -39.42 -9.48
CA GLN C 55 -26.25 -38.97 -10.04
C GLN C 55 -26.59 -37.56 -9.60
N THR C 56 -27.21 -36.80 -10.50
CA THR C 56 -27.74 -35.47 -10.17
C THR C 56 -29.23 -35.56 -9.91
N LEU C 57 -29.68 -35.01 -8.79
CA LEU C 57 -31.11 -35.01 -8.46
C LEU C 57 -31.69 -33.60 -8.49
N VAL C 58 -32.79 -33.44 -9.24
CA VAL C 58 -33.51 -32.19 -9.29
C VAL C 58 -34.77 -32.30 -8.43
N VAL C 59 -34.94 -31.38 -7.50
CA VAL C 59 -36.12 -31.38 -6.64
C VAL C 59 -37.10 -30.29 -7.08
N ILE C 60 -38.31 -30.71 -7.45
CA ILE C 60 -39.33 -29.76 -7.88
C ILE C 60 -40.57 -29.90 -6.99
N SER C 61 -41.42 -28.90 -7.04
CA SER C 61 -42.66 -28.91 -6.26
C SER C 61 -43.61 -29.99 -6.78
N PRO C 62 -44.35 -30.64 -5.87
CA PRO C 62 -45.34 -31.65 -6.28
C PRO C 62 -46.48 -31.05 -7.10
N ASP C 63 -46.64 -29.73 -7.03
CA ASP C 63 -47.68 -29.05 -7.79
C ASP C 63 -47.09 -28.24 -8.94
N ASP C 64 -45.86 -28.56 -9.32
CA ASP C 64 -45.21 -27.89 -10.44
C ASP C 64 -45.93 -28.23 -11.74
N ALA C 65 -46.07 -27.22 -12.60
CA ALA C 65 -46.76 -27.40 -13.88
C ALA C 65 -46.04 -26.67 -15.00
N HIS C 66 -44.71 -26.74 -15.00
CA HIS C 66 -43.92 -26.08 -16.04
C HIS C 66 -42.69 -26.91 -16.40
N PHE C 67 -42.34 -27.86 -15.53
CA PHE C 67 -41.16 -28.68 -15.76
C PHE C 67 -41.40 -29.71 -16.86
N ASP C 68 -40.56 -29.66 -17.89
CA ASP C 68 -40.59 -30.64 -18.97
C ASP C 68 -39.20 -31.19 -19.19
N ALA C 69 -39.02 -32.48 -18.86
CA ALA C 69 -37.71 -33.10 -18.88
C ALA C 69 -37.12 -33.18 -20.29
N ARG C 70 -37.97 -33.00 -21.29
CA ARG C 70 -37.53 -33.00 -22.69
C ARG C 70 -36.66 -31.77 -23.00
N ARG C 71 -36.84 -30.72 -22.20
CA ARG C 71 -36.09 -29.49 -22.39
C ARG C 71 -34.65 -29.64 -21.88
N PHE C 72 -34.34 -30.82 -21.34
CA PHE C 72 -33.00 -31.11 -20.84
C PHE C 72 -32.52 -32.45 -21.36
N ALA C 73 -32.91 -32.78 -22.59
CA ALA C 73 -32.55 -34.05 -23.20
C ALA C 73 -31.04 -34.17 -23.40
N GLY C 74 -30.49 -35.34 -23.10
CA GLY C 74 -29.07 -35.58 -23.23
C GLY C 74 -28.28 -35.30 -21.97
N LEU C 75 -28.99 -34.94 -20.90
CA LEU C 75 -28.35 -34.66 -19.63
C LEU C 75 -28.71 -35.73 -18.61
N ARG C 76 -27.71 -36.18 -17.85
CA ARG C 76 -27.92 -37.24 -16.87
C ARG C 76 -28.36 -36.69 -15.53
N PHE C 77 -29.63 -36.93 -15.18
CA PHE C 77 -30.18 -36.46 -13.92
C PHE C 77 -31.50 -37.16 -13.61
N ALA C 78 -31.90 -37.10 -12.34
CA ALA C 78 -33.21 -37.59 -11.93
C ALA C 78 -34.01 -36.44 -11.33
N VAL C 79 -35.33 -36.57 -11.34
CA VAL C 79 -36.20 -35.55 -10.78
C VAL C 79 -37.24 -36.16 -9.85
N ARG C 80 -37.37 -35.59 -8.66
CA ARG C 80 -38.35 -36.03 -7.69
C ARG C 80 -39.26 -34.88 -7.27
N ARG C 81 -40.55 -35.15 -7.18
CA ARG C 81 -41.52 -34.13 -6.75
C ARG C 81 -41.65 -34.14 -5.23
N CYS C 82 -40.51 -34.10 -4.55
CA CYS C 82 -40.46 -34.13 -3.10
C CYS C 82 -40.25 -32.73 -2.51
N GLY C 83 -40.80 -31.72 -3.17
CA GLY C 83 -40.66 -30.35 -2.73
C GLY C 83 -41.42 -30.05 -1.46
N GLY C 84 -40.79 -29.28 -0.57
CA GLY C 84 -41.41 -28.91 0.69
C GLY C 84 -41.91 -27.49 0.73
N ALA C 85 -42.40 -27.07 1.90
CA ALA C 85 -42.91 -25.71 2.08
C ALA C 85 -41.78 -24.71 2.22
N SER C 86 -40.57 -25.23 2.44
CA SER C 86 -39.39 -24.39 2.59
C SER C 86 -38.25 -24.93 1.73
N ARG C 87 -37.25 -24.09 1.46
CA ARG C 87 -36.10 -24.53 0.67
C ARG C 87 -35.29 -25.57 1.41
N GLN C 88 -35.04 -25.32 2.71
CA GLN C 88 -34.30 -26.26 3.53
C GLN C 88 -35.07 -27.57 3.68
N ALA C 89 -36.39 -27.48 3.63
CA ALA C 89 -37.24 -28.66 3.67
C ALA C 89 -37.13 -29.45 2.37
N SER C 90 -37.02 -28.72 1.26
CA SER C 90 -36.88 -29.35 -0.05
C SER C 90 -35.52 -30.01 -0.18
N VAL C 91 -34.50 -29.37 0.41
CA VAL C 91 -33.15 -29.92 0.40
C VAL C 91 -33.11 -31.19 1.25
N MET C 92 -33.77 -31.14 2.40
CA MET C 92 -33.80 -32.28 3.31
C MET C 92 -34.47 -33.49 2.67
N ASN C 93 -35.62 -33.26 2.03
CA ASN C 93 -36.34 -34.32 1.35
C ASN C 93 -35.51 -34.92 0.23
N GLY C 94 -34.78 -34.05 -0.49
CA GLY C 94 -33.90 -34.50 -1.55
C GLY C 94 -32.79 -35.40 -1.04
N LEU C 95 -32.23 -35.04 0.12
CA LEU C 95 -31.18 -35.83 0.75
C LEU C 95 -31.69 -37.23 1.09
N ILE C 96 -32.92 -37.30 1.59
CA ILE C 96 -33.54 -38.57 1.94
C ILE C 96 -33.74 -39.41 0.68
N GLN C 97 -34.06 -38.74 -0.43
CA GLN C 97 -34.29 -39.41 -1.70
C GLN C 97 -32.99 -39.94 -2.31
N LEU C 98 -31.87 -39.32 -1.95
CA LEU C 98 -30.57 -39.72 -2.49
C LEU C 98 -30.20 -41.14 -2.08
N ALA C 99 -30.60 -41.55 -0.89
CA ALA C 99 -30.31 -42.88 -0.37
C ALA C 99 -30.91 -43.96 -1.28
N GLU C 100 -32.01 -43.59 -1.94
CA GLU C 100 -32.67 -44.48 -2.90
C GLU C 100 -31.75 -44.73 -4.10
N PHE C 101 -30.89 -43.77 -4.40
CA PHE C 101 -29.94 -43.89 -5.50
C PHE C 101 -28.66 -44.60 -5.05
N GLY C 102 -28.65 -45.10 -3.82
CA GLY C 102 -27.52 -45.83 -3.30
C GLY C 102 -26.59 -45.02 -2.43
N ALA C 103 -26.97 -43.77 -2.17
CA ALA C 103 -26.14 -42.87 -1.37
C ALA C 103 -26.17 -43.23 0.11
N THR C 104 -25.01 -43.15 0.76
CA THR C 104 -24.92 -43.37 2.20
C THR C 104 -24.74 -42.04 2.92
N ASP C 105 -24.76 -42.09 4.25
CA ASP C 105 -24.62 -40.88 5.06
C ASP C 105 -23.19 -40.33 5.01
N ALA C 106 -22.26 -41.15 4.53
CA ALA C 106 -20.87 -40.74 4.43
C ALA C 106 -20.56 -40.16 3.06
N ASP C 107 -21.48 -40.31 2.12
CA ASP C 107 -21.31 -39.81 0.76
C ASP C 107 -21.44 -38.29 0.70
N TRP C 108 -20.84 -37.69 -0.32
CA TRP C 108 -20.89 -36.26 -0.51
C TRP C 108 -22.12 -35.82 -1.29
N VAL C 109 -22.65 -34.65 -0.97
CA VAL C 109 -23.70 -34.04 -1.76
C VAL C 109 -23.35 -32.57 -2.01
N LEU C 110 -23.44 -32.16 -3.26
CA LEU C 110 -23.24 -30.77 -3.63
C LEU C 110 -24.56 -30.12 -3.98
N VAL C 111 -24.98 -29.17 -3.16
CA VAL C 111 -26.23 -28.45 -3.39
C VAL C 111 -25.93 -27.15 -4.13
N HIS C 112 -26.53 -27.00 -5.30
CA HIS C 112 -26.28 -25.81 -6.11
C HIS C 112 -27.56 -25.05 -6.41
N ASP C 113 -27.51 -23.74 -6.26
CA ASP C 113 -28.62 -22.86 -6.61
C ASP C 113 -28.66 -22.67 -8.13
N ALA C 114 -29.82 -22.93 -8.72
CA ALA C 114 -29.97 -22.84 -10.18
C ALA C 114 -29.90 -21.39 -10.66
N ALA C 115 -29.94 -20.44 -9.72
CA ALA C 115 -29.84 -19.03 -10.04
C ALA C 115 -28.38 -18.63 -10.28
N ARG C 116 -27.50 -19.62 -10.24
CA ARG C 116 -26.09 -19.40 -10.57
C ARG C 116 -25.69 -20.27 -11.76
N PRO C 117 -26.10 -19.87 -12.97
CA PRO C 117 -25.88 -20.67 -14.19
C PRO C 117 -24.45 -20.58 -14.69
N GLY C 118 -23.65 -19.69 -14.12
CA GLY C 118 -22.26 -19.52 -14.52
C GLY C 118 -21.33 -20.58 -13.95
N ILE C 119 -21.91 -21.55 -13.24
CA ILE C 119 -21.14 -22.64 -12.64
C ILE C 119 -20.44 -23.43 -13.73
N THR C 120 -19.18 -23.80 -13.48
CA THR C 120 -18.38 -24.55 -14.43
C THR C 120 -17.91 -25.88 -13.84
N PRO C 121 -17.63 -26.87 -14.70
CA PRO C 121 -17.05 -28.14 -14.23
C PRO C 121 -15.71 -27.97 -13.54
N ALA C 122 -14.94 -26.95 -13.97
CA ALA C 122 -13.65 -26.67 -13.38
C ALA C 122 -13.80 -26.18 -11.95
N LEU C 123 -14.81 -25.33 -11.72
CA LEU C 123 -15.06 -24.81 -10.38
C LEU C 123 -15.58 -25.92 -9.47
N ILE C 124 -16.43 -26.78 -10.02
CA ILE C 124 -16.96 -27.92 -9.29
C ILE C 124 -15.81 -28.82 -8.83
N ARG C 125 -14.87 -29.09 -9.73
CA ARG C 125 -13.74 -29.96 -9.42
C ARG C 125 -12.72 -29.26 -8.54
N THR C 126 -12.73 -27.93 -8.53
CA THR C 126 -11.87 -27.17 -7.64
C THR C 126 -12.35 -27.35 -6.20
N LEU C 127 -13.66 -27.32 -6.02
CA LEU C 127 -14.26 -27.51 -4.71
C LEU C 127 -14.06 -28.93 -4.19
N ILE C 128 -14.28 -29.90 -5.08
CA ILE C 128 -14.16 -31.31 -4.72
C ILE C 128 -12.74 -31.68 -4.34
N GLY C 129 -11.78 -31.28 -5.18
CA GLY C 129 -10.39 -31.60 -4.95
C GLY C 129 -9.79 -31.04 -3.68
N ALA C 130 -10.39 -29.99 -3.15
CA ALA C 130 -9.89 -29.34 -1.95
C ALA C 130 -10.48 -29.95 -0.68
N LEU C 131 -11.77 -30.30 -0.73
CA LEU C 131 -12.48 -30.76 0.45
C LEU C 131 -12.90 -32.23 0.34
N LYS C 132 -12.19 -32.98 -0.49
CA LYS C 132 -12.50 -34.39 -0.71
C LYS C 132 -12.33 -35.21 0.57
N ASP C 133 -11.31 -34.86 1.36
CA ASP C 133 -10.97 -35.65 2.54
C ASP C 133 -11.26 -34.91 3.84
N ASP C 134 -12.13 -33.91 3.78
CA ASP C 134 -12.50 -33.15 4.97
C ASP C 134 -13.73 -33.76 5.64
N PRO C 135 -13.71 -33.85 6.98
CA PRO C 135 -14.82 -34.42 7.75
C PRO C 135 -16.15 -33.72 7.55
N VAL C 136 -16.11 -32.40 7.35
CA VAL C 136 -17.33 -31.62 7.20
C VAL C 136 -17.53 -31.17 5.76
N GLY C 137 -16.49 -30.57 5.18
CA GLY C 137 -16.57 -30.01 3.85
C GLY C 137 -16.65 -28.50 3.88
N GLY C 138 -17.34 -27.92 2.90
CA GLY C 138 -17.48 -26.48 2.82
C GLY C 138 -18.12 -25.96 1.55
N ILE C 139 -17.95 -24.68 1.30
CA ILE C 139 -18.60 -24.00 0.19
C ILE C 139 -17.60 -23.23 -0.65
N VAL C 140 -18.02 -22.83 -1.86
CA VAL C 140 -17.25 -21.90 -2.65
C VAL C 140 -17.69 -20.49 -2.29
N ALA C 141 -16.74 -19.57 -2.19
CA ALA C 141 -17.05 -18.22 -1.74
C ALA C 141 -16.08 -17.19 -2.30
N LEU C 142 -16.43 -15.92 -2.13
CA LEU C 142 -15.60 -14.81 -2.59
C LEU C 142 -15.38 -13.79 -1.48
N PRO C 143 -14.11 -13.37 -1.29
CA PRO C 143 -13.80 -12.33 -0.30
C PRO C 143 -14.45 -11.01 -0.67
N VAL C 144 -14.94 -10.27 0.32
CA VAL C 144 -15.51 -8.96 0.07
C VAL C 144 -14.40 -8.02 -0.37
N ALA C 145 -14.44 -7.63 -1.65
CA ALA C 145 -13.40 -6.79 -2.22
C ALA C 145 -13.79 -5.32 -2.23
N ASP C 146 -15.09 -5.05 -2.36
CA ASP C 146 -15.58 -3.68 -2.39
C ASP C 146 -15.74 -3.11 -0.99
N THR C 147 -15.65 -1.79 -0.89
CA THR C 147 -15.83 -1.09 0.38
C THR C 147 -17.25 -1.26 0.90
N LEU C 148 -17.37 -1.71 2.14
CA LEU C 148 -18.69 -1.95 2.74
C LEU C 148 -19.27 -0.68 3.34
N LYS C 149 -20.49 -0.35 2.91
CA LYS C 149 -21.20 0.82 3.42
C LYS C 149 -22.46 0.40 4.15
N ARG C 150 -22.63 0.88 5.37
CA ARG C 150 -23.85 0.60 6.13
C ARG C 150 -24.92 1.62 5.80
N VAL C 151 -26.01 1.14 5.21
CA VAL C 151 -27.13 2.00 4.82
C VAL C 151 -28.40 1.54 5.52
N PRO C 152 -28.88 2.34 6.49
CA PRO C 152 -30.11 2.04 7.24
C PRO C 152 -31.31 1.83 6.32
N ALA C 153 -32.01 0.71 6.51
CA ALA C 153 -33.16 0.38 5.69
C ALA C 153 -34.27 1.42 5.82
N GLY C 154 -34.75 1.92 4.69
CA GLY C 154 -35.76 2.96 4.67
C GLY C 154 -35.24 4.26 4.07
N GLY C 155 -33.93 4.42 4.08
CA GLY C 155 -33.29 5.58 3.51
C GLY C 155 -32.13 5.21 2.59
N ASP C 156 -31.62 6.20 1.86
CA ASP C 156 -30.52 5.96 0.94
C ASP C 156 -29.24 6.60 1.44
N ALA C 157 -29.22 6.96 2.72
CA ALA C 157 -28.07 7.63 3.31
C ALA C 157 -27.07 6.63 3.89
N ILE C 158 -25.79 6.94 3.74
CA ILE C 158 -24.72 6.11 4.29
C ILE C 158 -24.48 6.48 5.75
N GLU C 159 -24.62 5.51 6.64
CA GLU C 159 -24.32 5.73 8.05
C GLU C 159 -22.82 5.85 8.26
N ARG C 160 -22.09 4.82 7.83
CA ARG C 160 -20.63 4.81 7.92
C ARG C 160 -20.04 3.70 7.07
N THR C 161 -18.72 3.61 7.07
CA THR C 161 -18.03 2.53 6.38
C THR C 161 -17.72 1.39 7.34
N GLU C 162 -18.17 0.18 6.99
CA GLU C 162 -17.93 -1.00 7.82
C GLU C 162 -16.71 -1.77 7.33
N SER C 163 -15.99 -2.39 8.26
CA SER C 163 -14.83 -3.20 7.90
C SER C 163 -15.25 -4.45 7.17
N ARG C 164 -14.49 -4.81 6.14
CA ARG C 164 -14.78 -6.00 5.35
C ARG C 164 -13.80 -7.12 5.67
N ASN C 165 -12.96 -6.89 6.67
CA ASN C 165 -11.93 -7.85 7.06
C ASN C 165 -12.54 -9.16 7.52
N GLY C 166 -12.06 -10.26 6.94
CA GLY C 166 -12.52 -11.59 7.31
C GLY C 166 -13.93 -11.92 6.84
N LEU C 167 -14.45 -11.11 5.93
CA LEU C 167 -15.80 -11.33 5.41
C LEU C 167 -15.79 -11.93 4.02
N TRP C 168 -16.64 -12.94 3.81
CA TRP C 168 -16.74 -13.62 2.52
C TRP C 168 -18.19 -13.66 2.05
N GLN C 169 -18.38 -13.67 0.75
CA GLN C 169 -19.71 -13.81 0.16
C GLN C 169 -19.91 -15.27 -0.26
N ALA C 170 -20.95 -15.90 0.29
CA ALA C 170 -21.19 -17.32 0.06
C ALA C 170 -21.82 -17.59 -1.31
N GLN C 171 -21.28 -18.58 -2.01
CA GLN C 171 -21.85 -19.04 -3.27
C GLN C 171 -22.21 -20.52 -3.18
N THR C 172 -22.66 -21.08 -4.30
CA THR C 172 -22.91 -22.51 -4.40
C THR C 172 -22.06 -23.06 -5.54
N PRO C 173 -21.79 -24.38 -5.57
CA PRO C 173 -22.26 -25.49 -4.73
C PRO C 173 -21.77 -25.45 -3.29
N GLN C 174 -22.53 -26.08 -2.40
CA GLN C 174 -22.12 -26.25 -1.01
C GLN C 174 -21.93 -27.74 -0.73
N MET C 175 -20.71 -28.12 -0.39
CA MET C 175 -20.33 -29.53 -0.31
C MET C 175 -20.28 -30.05 1.13
N PHE C 176 -21.20 -30.94 1.46
CA PHE C 176 -21.26 -31.51 2.81
C PHE C 176 -21.65 -32.98 2.79
N ARG C 177 -21.39 -33.67 3.91
CA ARG C 177 -21.81 -35.06 4.08
C ARG C 177 -23.33 -35.12 4.10
N ILE C 178 -23.89 -36.15 3.46
CA ILE C 178 -25.34 -36.28 3.35
C ILE C 178 -25.99 -36.43 4.72
N GLY C 179 -25.47 -37.36 5.52
CA GLY C 179 -26.03 -37.62 6.84
C GLY C 179 -25.94 -36.42 7.77
N MET C 180 -24.78 -35.79 7.82
CA MET C 180 -24.56 -34.64 8.69
C MET C 180 -25.44 -33.46 8.29
N LEU C 181 -25.59 -33.25 6.98
CA LEU C 181 -26.39 -32.14 6.49
C LEU C 181 -27.89 -32.40 6.71
N ARG C 182 -28.30 -33.65 6.54
CA ARG C 182 -29.69 -34.03 6.76
C ARG C 182 -30.07 -33.84 8.22
N ASP C 183 -29.21 -34.29 9.13
CA ASP C 183 -29.45 -34.18 10.56
C ASP C 183 -29.47 -32.72 11.01
N ALA C 184 -28.58 -31.91 10.44
CA ALA C 184 -28.48 -30.49 10.78
C ALA C 184 -29.76 -29.75 10.39
N ILE C 185 -30.28 -30.04 9.21
CA ILE C 185 -31.51 -29.42 8.73
C ILE C 185 -32.69 -29.93 9.57
N GLN C 186 -32.70 -31.22 9.84
CA GLN C 186 -33.77 -31.83 10.64
C GLN C 186 -33.81 -31.25 12.04
N ARG C 187 -32.64 -30.92 12.59
CA ARG C 187 -32.56 -30.31 13.90
C ARG C 187 -33.03 -28.86 13.84
N ALA C 188 -32.76 -28.20 12.72
CA ALA C 188 -33.19 -26.82 12.51
C ALA C 188 -34.71 -26.76 12.32
N GLN C 189 -35.26 -27.80 11.71
CA GLN C 189 -36.70 -27.89 11.49
C GLN C 189 -37.44 -28.01 12.82
N LEU C 190 -36.91 -28.85 13.71
CA LEU C 190 -37.52 -29.06 15.02
C LEU C 190 -37.42 -27.81 15.88
N GLU C 191 -36.31 -27.11 15.77
CA GLU C 191 -36.10 -25.89 16.53
C GLU C 191 -36.70 -24.68 15.82
N GLY C 192 -37.24 -24.92 14.62
CA GLY C 192 -37.90 -23.88 13.85
C GLY C 192 -36.98 -22.76 13.43
N ARG C 193 -35.70 -23.08 13.24
CA ARG C 193 -34.72 -22.09 12.84
C ARG C 193 -34.70 -21.90 11.32
N ASP C 194 -35.07 -20.71 10.88
CA ASP C 194 -35.10 -20.40 9.45
C ASP C 194 -33.68 -20.11 8.95
N LEU C 195 -33.01 -21.14 8.45
CA LEU C 195 -31.65 -21.00 7.95
C LEU C 195 -31.62 -20.26 6.61
N THR C 196 -30.42 -19.87 6.19
CA THR C 196 -30.24 -19.20 4.91
C THR C 196 -29.69 -20.18 3.87
N ASP C 197 -28.53 -20.76 4.15
CA ASP C 197 -27.96 -21.76 3.26
C ASP C 197 -27.59 -23.02 4.05
N GLU C 198 -27.09 -24.03 3.34
CA GLU C 198 -26.76 -25.31 3.97
C GLU C 198 -25.60 -25.16 4.93
N ALA C 199 -24.68 -24.24 4.63
CA ALA C 199 -23.54 -23.97 5.48
C ALA C 199 -24.00 -23.54 6.88
N SER C 200 -24.98 -22.66 6.92
CA SER C 200 -25.51 -22.15 8.18
C SER C 200 -26.14 -23.25 9.02
N ALA C 201 -26.77 -24.21 8.37
CA ALA C 201 -27.34 -25.37 9.06
C ALA C 201 -26.23 -26.21 9.68
N ILE C 202 -25.12 -26.33 8.96
CA ILE C 202 -23.95 -27.05 9.44
C ILE C 202 -23.32 -26.32 10.61
N GLU C 203 -23.21 -25.01 10.50
CA GLU C 203 -22.62 -24.17 11.54
C GLU C 203 -23.40 -24.27 12.86
N TRP C 204 -24.72 -24.19 12.75
CA TRP C 204 -25.58 -24.24 13.94
C TRP C 204 -25.58 -25.62 14.58
N ALA C 205 -25.15 -26.62 13.84
CA ALA C 205 -25.08 -27.99 14.34
C ALA C 205 -23.76 -28.24 15.05
N GLY C 206 -22.92 -27.21 15.14
CA GLY C 206 -21.67 -27.32 15.85
C GLY C 206 -20.50 -27.79 15.02
N HIS C 207 -20.64 -27.73 13.70
CA HIS C 207 -19.56 -28.14 12.79
C HIS C 207 -18.96 -26.94 12.08
N THR C 208 -17.75 -27.10 11.56
CA THR C 208 -17.03 -26.00 10.92
C THR C 208 -16.85 -26.22 9.42
N PRO C 209 -17.62 -25.49 8.60
CA PRO C 209 -17.46 -25.52 7.14
C PRO C 209 -16.23 -24.73 6.71
N ARG C 210 -15.71 -25.03 5.52
CA ARG C 210 -14.57 -24.29 5.00
C ARG C 210 -14.93 -23.52 3.73
N VAL C 211 -14.02 -22.67 3.27
CA VAL C 211 -14.26 -21.88 2.07
C VAL C 211 -13.22 -22.17 1.00
N VAL C 212 -13.66 -22.19 -0.24
CA VAL C 212 -12.78 -22.33 -1.39
C VAL C 212 -13.05 -21.15 -2.32
N GLN C 213 -11.99 -20.61 -2.92
CA GLN C 213 -12.11 -19.46 -3.80
C GLN C 213 -13.06 -19.74 -4.97
N GLY C 214 -14.18 -19.01 -4.99
CA GLY C 214 -15.16 -19.15 -6.05
C GLY C 214 -14.83 -18.34 -7.28
N SER C 215 -15.86 -17.87 -7.98
CA SER C 215 -15.67 -17.09 -9.20
C SER C 215 -16.78 -16.06 -9.38
N LEU C 216 -16.44 -14.94 -10.01
CA LEU C 216 -17.41 -13.88 -10.26
C LEU C 216 -18.38 -14.29 -11.36
N ARG C 217 -18.01 -15.31 -12.12
CA ARG C 217 -18.87 -15.86 -13.16
C ARG C 217 -20.04 -16.61 -12.54
N ASN C 218 -19.86 -17.04 -11.29
CA ASN C 218 -20.84 -17.85 -10.58
C ASN C 218 -21.74 -16.98 -9.70
N PHE C 219 -22.09 -15.80 -10.21
CA PHE C 219 -22.95 -14.90 -9.45
C PHE C 219 -24.41 -15.34 -9.53
N LYS C 220 -25.21 -14.90 -8.57
CA LYS C 220 -26.63 -15.26 -8.54
C LYS C 220 -27.49 -14.20 -9.23
N VAL C 221 -28.37 -14.64 -10.11
CA VAL C 221 -29.28 -13.73 -10.80
C VAL C 221 -30.49 -13.43 -9.92
N THR C 222 -30.89 -12.16 -9.89
CA THR C 222 -32.05 -11.74 -9.11
C THR C 222 -32.76 -10.57 -9.78
N TYR C 223 -32.01 -9.54 -10.14
CA TYR C 223 -32.55 -8.40 -10.86
C TYR C 223 -32.58 -8.70 -12.36
N PRO C 224 -33.58 -8.16 -13.07
CA PRO C 224 -33.74 -8.30 -14.52
C PRO C 224 -32.44 -8.14 -15.31
N GLU C 225 -31.61 -7.18 -14.89
CA GLU C 225 -30.37 -6.89 -15.59
C GLU C 225 -29.35 -8.03 -15.44
N ASP C 226 -29.46 -8.77 -14.34
CA ASP C 226 -28.55 -9.89 -14.09
C ASP C 226 -28.74 -10.99 -15.12
N PHE C 227 -29.98 -11.19 -15.54
CA PHE C 227 -30.29 -12.17 -16.58
C PHE C 227 -29.63 -11.78 -17.91
N ASP C 228 -29.70 -10.49 -18.23
CA ASP C 228 -29.06 -9.98 -19.44
C ASP C 228 -27.56 -10.13 -19.35
N LEU C 229 -27.01 -9.86 -18.17
CA LEU C 229 -25.58 -9.99 -17.94
C LEU C 229 -25.14 -11.45 -18.04
N ALA C 230 -25.99 -12.35 -17.51
CA ALA C 230 -25.71 -13.78 -17.57
C ALA C 230 -25.77 -14.27 -19.00
N GLU C 231 -26.69 -13.70 -19.78
CA GLU C 231 -26.84 -14.06 -21.18
C GLU C 231 -25.61 -13.69 -22.00
N ALA C 232 -24.99 -12.58 -21.63
CA ALA C 232 -23.77 -12.13 -22.31
C ALA C 232 -22.60 -13.05 -22.01
N ILE C 233 -22.58 -13.60 -20.80
CA ILE C 233 -21.52 -14.51 -20.38
C ILE C 233 -21.74 -15.90 -20.97
N LEU C 234 -22.98 -16.36 -20.94
CA LEU C 234 -23.33 -17.69 -21.41
C LEU C 234 -23.59 -17.72 -22.92
N ALA C 235 -22.91 -16.86 -23.65
CA ALA C 235 -23.02 -16.83 -25.11
C ALA C 235 -21.63 -16.77 -25.74
N HIS C 236 -20.63 -16.55 -24.91
CA HIS C 236 -19.25 -16.50 -25.37
C HIS C 236 -18.29 -16.85 -24.23
N PRO C 237 -18.09 -18.17 -24.00
CA PRO C 237 -17.23 -18.65 -22.93
C PRO C 237 -15.79 -18.88 -23.37
N THR D 7 -25.52 27.13 -11.43
CA THR D 7 -25.62 25.73 -11.79
C THR D 7 -24.23 25.08 -11.82
N SER D 8 -24.01 24.12 -10.92
CA SER D 8 -22.73 23.45 -10.81
C SER D 8 -22.38 22.69 -12.09
N ARG D 9 -21.09 22.66 -12.43
CA ARG D 9 -20.62 21.96 -13.61
C ARG D 9 -20.26 20.51 -13.30
N LEU D 10 -20.12 19.71 -14.33
CA LEU D 10 -19.80 18.29 -14.18
C LEU D 10 -18.39 17.98 -14.68
N PHE D 11 -17.52 17.56 -13.77
CA PHE D 11 -16.17 17.14 -14.14
C PHE D 11 -15.99 15.67 -13.83
N ALA D 12 -15.10 15.01 -14.57
CA ALA D 12 -14.80 13.61 -14.34
C ALA D 12 -13.32 13.43 -14.02
N LEU D 13 -13.04 12.58 -13.04
CA LEU D 13 -11.67 12.28 -12.65
C LEU D 13 -11.44 10.77 -12.68
N ILE D 14 -10.47 10.34 -13.46
CA ILE D 14 -10.20 8.92 -13.61
C ILE D 14 -8.82 8.58 -13.06
N PRO D 15 -8.77 8.12 -11.80
CA PRO D 15 -7.52 7.65 -11.19
C PRO D 15 -6.94 6.48 -11.98
N CYS D 16 -5.71 6.65 -12.48
CA CYS D 16 -5.11 5.65 -13.35
C CYS D 16 -3.59 5.62 -13.18
N ALA D 17 -3.14 5.60 -11.92
CA ALA D 17 -1.72 5.63 -11.62
C ALA D 17 -1.31 4.42 -10.78
N LEU D 27 1.39 -3.69 -19.95
CA LEU D 27 1.59 -4.59 -18.82
C LEU D 27 0.64 -4.31 -17.65
N PRO D 28 0.50 -3.04 -17.21
CA PRO D 28 -0.46 -2.83 -16.13
C PRO D 28 -1.91 -3.03 -16.59
N LYS D 29 -2.79 -3.40 -15.67
CA LYS D 29 -4.18 -3.71 -16.01
C LYS D 29 -4.93 -2.47 -16.50
N GLN D 30 -4.39 -1.29 -16.23
CA GLN D 30 -5.02 -0.04 -16.63
C GLN D 30 -5.18 0.07 -18.14
N TYR D 31 -4.16 -0.39 -18.87
CA TYR D 31 -4.18 -0.31 -20.33
C TYR D 31 -4.06 -1.70 -20.96
N ARG D 32 -4.45 -2.72 -20.20
CA ARG D 32 -4.39 -4.10 -20.69
C ARG D 32 -5.39 -4.32 -21.82
N THR D 33 -5.01 -5.15 -22.78
CA THR D 33 -5.84 -5.43 -23.94
C THR D 33 -7.09 -6.22 -23.56
N LEU D 34 -8.25 -5.60 -23.72
CA LEU D 34 -9.52 -6.26 -23.42
C LEU D 34 -10.47 -6.16 -24.61
N ALA D 35 -10.67 -7.30 -25.28
CA ALA D 35 -11.52 -7.37 -26.48
C ALA D 35 -11.07 -6.38 -27.54
N GLY D 36 -9.76 -6.22 -27.68
CA GLY D 36 -9.20 -5.30 -28.65
C GLY D 36 -8.73 -3.99 -28.04
N ARG D 37 -9.69 -3.16 -27.64
CA ARG D 37 -9.39 -1.85 -27.08
C ARG D 37 -8.70 -1.98 -25.71
N ALA D 38 -8.10 -0.88 -25.24
CA ALA D 38 -7.52 -0.86 -23.91
C ALA D 38 -8.63 -0.83 -22.87
N LEU D 39 -8.32 -1.19 -21.64
CA LEU D 39 -9.31 -1.25 -20.58
C LEU D 39 -9.77 0.16 -20.21
N LEU D 40 -8.84 1.11 -20.24
CA LEU D 40 -9.14 2.51 -19.94
C LEU D 40 -10.09 3.10 -20.99
N HIS D 41 -10.01 2.58 -22.20
CA HIS D 41 -10.79 3.11 -23.33
C HIS D 41 -12.29 3.00 -23.09
N TYR D 42 -12.73 1.93 -22.45
CA TYR D 42 -14.15 1.71 -22.18
C TYR D 42 -14.67 2.75 -21.18
N THR D 43 -13.83 3.12 -20.23
CA THR D 43 -14.18 4.13 -19.24
C THR D 43 -14.26 5.50 -19.91
N LEU D 44 -13.25 5.81 -20.73
CA LEU D 44 -13.17 7.09 -21.41
C LEU D 44 -14.30 7.27 -22.42
N ALA D 45 -14.67 6.18 -23.10
CA ALA D 45 -15.74 6.22 -24.09
C ALA D 45 -17.09 6.45 -23.42
N ALA D 46 -17.23 5.93 -22.21
CA ALA D 46 -18.46 6.08 -21.45
C ALA D 46 -18.73 7.53 -21.09
N PHE D 47 -17.71 8.20 -20.56
CA PHE D 47 -17.84 9.60 -20.18
C PHE D 47 -17.84 10.52 -21.40
N ASP D 48 -17.20 10.08 -22.48
CA ASP D 48 -17.19 10.84 -23.72
C ASP D 48 -18.60 10.96 -24.31
N ALA D 49 -19.39 9.91 -24.12
CA ALA D 49 -20.75 9.88 -24.63
C ALA D 49 -21.64 10.88 -23.88
N CYS D 50 -21.19 11.27 -22.69
CA CYS D 50 -21.91 12.24 -21.88
C CYS D 50 -21.38 13.65 -22.13
N SER D 51 -22.05 14.38 -23.01
CA SER D 51 -21.60 15.69 -23.45
C SER D 51 -21.78 16.77 -22.38
N GLU D 52 -22.57 16.47 -21.35
CA GLU D 52 -22.85 17.44 -20.30
C GLU D 52 -21.63 17.72 -19.43
N PHE D 53 -20.65 16.82 -19.48
CA PHE D 53 -19.41 17.00 -18.73
C PHE D 53 -18.59 18.15 -19.30
N ALA D 54 -17.90 18.86 -18.41
CA ALA D 54 -17.02 19.95 -18.83
C ALA D 54 -15.72 19.36 -19.39
N GLN D 55 -15.16 18.40 -18.66
CA GLN D 55 -13.95 17.71 -19.10
C GLN D 55 -13.71 16.46 -18.24
N THR D 56 -13.05 15.47 -18.83
CA THR D 56 -12.67 14.26 -18.11
C THR D 56 -11.14 14.21 -17.93
N LEU D 57 -10.70 14.11 -16.69
CA LEU D 57 -9.26 14.13 -16.39
C LEU D 57 -8.75 12.75 -16.00
N VAL D 58 -7.73 12.28 -16.70
CA VAL D 58 -7.09 11.01 -16.39
C VAL D 58 -5.77 11.27 -15.67
N VAL D 59 -5.66 10.79 -14.44
CA VAL D 59 -4.44 10.96 -13.66
C VAL D 59 -3.56 9.72 -13.79
N ILE D 60 -2.35 9.91 -14.30
CA ILE D 60 -1.40 8.81 -14.42
C ILE D 60 -0.16 9.11 -13.59
N SER D 61 0.63 8.08 -13.31
CA SER D 61 1.85 8.22 -12.54
C SER D 61 2.88 9.05 -13.31
N PRO D 62 3.67 9.87 -12.59
CA PRO D 62 4.69 10.73 -13.20
C PRO D 62 5.70 9.97 -14.06
N ASP D 63 5.90 8.69 -13.77
CA ASP D 63 6.83 7.87 -14.53
C ASP D 63 6.11 6.73 -15.24
N ASP D 64 5.10 7.08 -16.03
CA ASP D 64 4.34 6.10 -16.78
C ASP D 64 4.71 6.14 -18.26
N ALA D 65 5.08 4.99 -18.81
CA ALA D 65 5.48 4.89 -20.21
C ALA D 65 4.64 3.86 -20.96
N HIS D 66 3.34 3.88 -20.73
CA HIS D 66 2.42 2.96 -21.39
C HIS D 66 1.26 3.69 -22.05
N PHE D 67 1.00 4.92 -21.61
CA PHE D 67 -0.13 5.68 -22.14
C PHE D 67 0.15 6.23 -23.53
N ASP D 68 -0.72 5.89 -24.47
CA ASP D 68 -0.64 6.40 -25.84
C ASP D 68 -1.95 7.09 -26.19
N ALA D 69 -1.87 8.38 -26.47
CA ALA D 69 -3.06 9.18 -26.76
C ALA D 69 -3.81 8.67 -27.98
N ARG D 70 -3.08 8.08 -28.93
CA ARG D 70 -3.67 7.58 -30.17
C ARG D 70 -4.59 6.39 -29.92
N ARG D 71 -4.39 5.72 -28.78
CA ARG D 71 -5.23 4.57 -28.43
C ARG D 71 -6.56 5.02 -27.85
N PHE D 72 -6.72 6.34 -27.70
CA PHE D 72 -7.96 6.90 -27.17
C PHE D 72 -8.39 8.10 -28.01
N ALA D 73 -8.04 8.08 -29.30
CA ALA D 73 -8.36 9.17 -30.21
C ALA D 73 -9.87 9.26 -30.44
N GLY D 74 -10.37 10.49 -30.57
CA GLY D 74 -11.78 10.71 -30.78
C GLY D 74 -12.55 10.93 -29.49
N LEU D 75 -11.91 10.60 -28.37
CA LEU D 75 -12.53 10.76 -27.06
C LEU D 75 -12.09 12.06 -26.40
N ARG D 76 -13.02 12.74 -25.74
CA ARG D 76 -12.74 14.02 -25.12
C ARG D 76 -12.27 13.84 -23.68
N PHE D 77 -10.98 14.08 -23.44
CA PHE D 77 -10.39 13.89 -22.12
C PHE D 77 -9.02 14.56 -22.03
N ALA D 78 -8.56 14.81 -20.81
CA ALA D 78 -7.23 15.35 -20.58
C ALA D 78 -6.43 14.41 -19.69
N VAL D 79 -5.10 14.48 -19.78
CA VAL D 79 -4.22 13.59 -19.03
C VAL D 79 -3.09 14.36 -18.36
N ARG D 80 -2.91 14.11 -17.07
CA ARG D 80 -1.85 14.74 -16.30
CA ARG D 80 -1.84 14.74 -16.30
C ARG D 80 -1.02 13.71 -15.54
N ARG D 81 0.29 13.90 -15.53
CA ARG D 81 1.18 13.00 -14.79
C ARG D 81 1.36 13.50 -13.37
N CYS D 82 0.27 13.48 -12.61
CA CYS D 82 0.27 13.93 -11.23
C CYS D 82 -0.19 12.83 -10.29
N GLY D 83 0.09 11.59 -10.66
CA GLY D 83 -0.28 10.45 -9.84
C GLY D 83 0.40 10.45 -8.49
N GLY D 84 -0.24 9.82 -7.50
CA GLY D 84 0.31 9.77 -6.15
C GLY D 84 0.76 8.39 -5.75
N ALA D 85 1.30 8.28 -4.54
CA ALA D 85 1.77 7.00 -4.01
C ALA D 85 0.58 6.07 -3.74
N SER D 86 -0.56 6.66 -3.41
CA SER D 86 -1.78 5.90 -3.18
C SER D 86 -2.89 6.41 -4.10
N ARG D 87 -4.00 5.68 -4.14
CA ARG D 87 -5.15 6.10 -4.92
C ARG D 87 -5.69 7.42 -4.42
N GLN D 88 -5.79 7.55 -3.10
CA GLN D 88 -6.32 8.76 -2.47
C GLN D 88 -5.44 9.96 -2.79
N ALA D 89 -4.14 9.74 -2.89
CA ALA D 89 -3.21 10.80 -3.23
C ALA D 89 -3.43 11.28 -4.66
N SER D 90 -3.53 10.33 -5.58
CA SER D 90 -3.73 10.64 -7.00
C SER D 90 -5.05 11.38 -7.24
N VAL D 91 -6.05 11.07 -6.42
CA VAL D 91 -7.35 11.72 -6.54
C VAL D 91 -7.27 13.19 -6.17
N MET D 92 -6.72 13.48 -5.00
CA MET D 92 -6.62 14.86 -4.53
C MET D 92 -5.74 15.71 -5.43
N ASN D 93 -4.66 15.09 -5.93
CA ASN D 93 -3.78 15.77 -6.88
C ASN D 93 -4.54 16.15 -8.15
N GLY D 94 -5.49 15.30 -8.54
CA GLY D 94 -6.33 15.57 -9.69
C GLY D 94 -7.36 16.63 -9.42
N LEU D 95 -7.91 16.63 -8.20
CA LEU D 95 -8.88 17.64 -7.79
C LEU D 95 -8.25 19.02 -7.82
N ILE D 96 -7.01 19.10 -7.37
CA ILE D 96 -6.23 20.33 -7.43
C ILE D 96 -6.00 20.71 -8.88
N GLN D 97 -5.72 19.70 -9.71
CA GLN D 97 -5.42 19.91 -11.12
C GLN D 97 -6.66 20.35 -11.89
N LEU D 98 -7.84 20.01 -11.37
CA LEU D 98 -9.10 20.35 -12.03
C LEU D 98 -9.34 21.86 -12.07
N ALA D 99 -8.80 22.57 -11.09
CA ALA D 99 -8.94 24.02 -11.02
C ALA D 99 -8.34 24.70 -12.26
N GLU D 100 -7.35 24.05 -12.85
CA GLU D 100 -6.68 24.56 -14.04
C GLU D 100 -7.65 24.57 -15.24
N PHE D 101 -8.60 23.66 -15.24
CA PHE D 101 -9.55 23.55 -16.34
C PHE D 101 -10.77 24.45 -16.12
N GLY D 102 -10.75 25.23 -15.05
CA GLY D 102 -11.83 26.17 -14.77
C GLY D 102 -12.85 25.67 -13.76
N ALA D 103 -12.52 24.58 -13.08
CA ALA D 103 -13.40 24.02 -12.08
C ALA D 103 -13.39 24.85 -10.80
N THR D 104 -14.55 24.99 -10.18
CA THR D 104 -14.65 25.68 -8.90
C THR D 104 -15.03 24.70 -7.80
N ASP D 105 -14.93 25.13 -6.55
CA ASP D 105 -15.19 24.26 -5.40
C ASP D 105 -16.65 23.82 -5.32
N ALA D 106 -17.53 24.51 -6.00
CA ALA D 106 -18.96 24.21 -5.96
C ALA D 106 -19.38 23.28 -7.11
N ASP D 107 -18.43 22.94 -7.98
CA ASP D 107 -18.73 22.07 -9.13
C ASP D 107 -18.66 20.61 -8.75
N TRP D 108 -19.45 19.78 -9.43
CA TRP D 108 -19.47 18.35 -9.18
C TRP D 108 -18.28 17.65 -9.80
N VAL D 109 -17.78 16.61 -9.13
CA VAL D 109 -16.76 15.75 -9.68
C VAL D 109 -17.20 14.29 -9.53
N LEU D 110 -17.11 13.54 -10.62
CA LEU D 110 -17.43 12.11 -10.59
C LEU D 110 -16.17 11.29 -10.72
N VAL D 111 -15.75 10.67 -9.62
CA VAL D 111 -14.53 9.87 -9.61
C VAL D 111 -14.83 8.42 -9.94
N HIS D 112 -14.26 7.93 -11.02
CA HIS D 112 -14.50 6.55 -11.46
C HIS D 112 -13.19 5.78 -11.60
N ASP D 113 -13.14 4.60 -10.99
CA ASP D 113 -11.98 3.72 -11.10
C ASP D 113 -11.93 3.08 -12.48
N ALA D 114 -10.76 3.12 -13.11
CA ALA D 114 -10.59 2.59 -14.46
C ALA D 114 -10.66 1.07 -14.47
N ALA D 115 -10.70 0.46 -13.29
CA ALA D 115 -10.80 -0.98 -13.17
C ALA D 115 -12.25 -1.45 -13.34
N ARG D 116 -13.15 -0.50 -13.59
CA ARG D 116 -14.55 -0.82 -13.87
C ARG D 116 -14.93 -0.35 -15.26
N PRO D 117 -14.59 -1.15 -16.29
CA PRO D 117 -14.83 -0.79 -17.69
C PRO D 117 -16.29 -0.93 -18.11
N GLY D 118 -17.09 -1.58 -17.29
CA GLY D 118 -18.49 -1.82 -17.61
C GLY D 118 -19.41 -0.64 -17.35
N ILE D 119 -18.82 0.50 -17.00
CA ILE D 119 -19.58 1.71 -16.73
C ILE D 119 -20.32 2.16 -18.00
N THR D 120 -21.57 2.57 -17.83
CA THR D 120 -22.39 2.99 -18.96
C THR D 120 -22.86 4.44 -18.77
N PRO D 121 -23.10 5.15 -19.90
CA PRO D 121 -23.62 6.51 -19.84
C PRO D 121 -24.97 6.60 -19.10
N ALA D 122 -25.77 5.55 -19.20
CA ALA D 122 -27.08 5.52 -18.54
C ALA D 122 -26.94 5.49 -17.03
N LEU D 123 -25.96 4.72 -16.54
CA LEU D 123 -25.71 4.61 -15.11
C LEU D 123 -25.10 5.91 -14.56
N ILE D 124 -24.22 6.52 -15.36
CA ILE D 124 -23.62 7.79 -15.00
C ILE D 124 -24.71 8.85 -14.83
N ARG D 125 -25.63 8.89 -15.77
CA ARG D 125 -26.70 9.87 -15.76
C ARG D 125 -27.76 9.55 -14.71
N THR D 126 -27.89 8.27 -14.38
CA THR D 126 -28.79 7.86 -13.31
C THR D 126 -28.27 8.40 -11.98
N LEU D 127 -26.95 8.37 -11.82
CA LEU D 127 -26.29 8.89 -10.62
C LEU D 127 -26.43 10.41 -10.54
N ILE D 128 -26.18 11.08 -11.65
CA ILE D 128 -26.25 12.54 -11.71
C ILE D 128 -27.67 13.02 -11.44
N GLY D 129 -28.63 12.44 -12.13
CA GLY D 129 -30.02 12.86 -12.03
C GLY D 129 -30.64 12.68 -10.65
N ALA D 130 -30.04 11.81 -9.84
CA ALA D 130 -30.57 11.50 -8.52
C ALA D 130 -29.87 12.32 -7.43
N LEU D 131 -28.71 12.87 -7.75
CA LEU D 131 -27.90 13.54 -6.74
C LEU D 131 -27.44 14.94 -7.16
N LYS D 132 -28.09 15.50 -8.17
CA LYS D 132 -27.69 16.81 -8.70
C LYS D 132 -28.00 17.93 -7.71
N ASP D 133 -29.05 17.76 -6.92
CA ASP D 133 -29.51 18.81 -6.01
C ASP D 133 -29.12 18.52 -4.56
N ASP D 134 -28.33 17.46 -4.34
CA ASP D 134 -27.94 17.08 -2.99
C ASP D 134 -26.77 17.94 -2.50
N PRO D 135 -26.83 18.37 -1.23
CA PRO D 135 -25.78 19.18 -0.61
C PRO D 135 -24.42 18.48 -0.56
N VAL D 136 -24.43 17.15 -0.55
CA VAL D 136 -23.20 16.38 -0.43
C VAL D 136 -22.93 15.57 -1.69
N GLY D 137 -23.90 14.74 -2.08
CA GLY D 137 -23.74 13.85 -3.21
C GLY D 137 -23.82 12.40 -2.80
N GLY D 138 -23.13 11.53 -3.52
CA GLY D 138 -23.15 10.12 -3.21
C GLY D 138 -22.46 9.22 -4.22
N ILE D 139 -22.66 7.91 -4.08
CA ILE D 139 -21.96 6.93 -4.89
C ILE D 139 -22.91 5.96 -5.56
N VAL D 140 -22.40 5.24 -6.54
CA VAL D 140 -23.07 4.08 -7.11
C VAL D 140 -22.68 2.87 -6.26
N ALA D 141 -23.65 2.04 -5.89
CA ALA D 141 -23.37 0.90 -5.04
C ALA D 141 -24.36 -0.25 -5.24
N LEU D 142 -24.01 -1.42 -4.72
CA LEU D 142 -24.86 -2.60 -4.81
C LEU D 142 -25.11 -3.20 -3.43
N PRO D 143 -26.38 -3.47 -3.11
CA PRO D 143 -26.73 -4.15 -1.85
C PRO D 143 -26.11 -5.54 -1.78
N VAL D 144 -25.68 -5.96 -0.60
CA VAL D 144 -25.11 -7.29 -0.42
C VAL D 144 -26.19 -8.34 -0.65
N ALA D 145 -26.00 -9.16 -1.69
CA ALA D 145 -26.99 -10.16 -2.06
C ALA D 145 -26.67 -11.54 -1.48
N ASP D 146 -25.37 -11.81 -1.30
CA ASP D 146 -24.94 -13.12 -0.83
C ASP D 146 -24.89 -13.20 0.69
N THR D 147 -25.02 -14.41 1.22
CA THR D 147 -24.88 -14.67 2.64
C THR D 147 -23.43 -14.41 3.07
N LEU D 148 -23.26 -13.66 4.16
CA LEU D 148 -21.93 -13.31 4.64
C LEU D 148 -21.39 -14.35 5.62
N LYS D 149 -20.16 -14.80 5.36
CA LYS D 149 -19.50 -15.75 6.25
C LYS D 149 -18.24 -15.11 6.82
N ARG D 150 -18.06 -15.21 8.14
CA ARG D 150 -16.85 -14.68 8.76
C ARG D 150 -15.75 -15.73 8.78
N VAL D 151 -14.70 -15.48 8.01
CA VAL D 151 -13.57 -16.39 7.93
C VAL D 151 -12.32 -15.71 8.48
N PRO D 152 -11.89 -16.11 9.69
CA PRO D 152 -10.70 -15.55 10.33
C PRO D 152 -9.46 -15.64 9.45
N ALA D 153 -8.69 -14.56 9.39
CA ALA D 153 -7.49 -14.51 8.56
C ALA D 153 -6.45 -15.53 9.03
N GLY D 154 -5.81 -16.20 8.06
CA GLY D 154 -4.82 -17.21 8.37
C GLY D 154 -5.37 -18.61 8.26
N GLY D 155 -6.64 -18.72 7.87
CA GLY D 155 -7.30 -20.00 7.71
C GLY D 155 -8.52 -19.91 6.82
N ASP D 156 -9.05 -21.06 6.42
CA ASP D 156 -10.22 -21.08 5.55
C ASP D 156 -11.46 -21.61 6.28
N ALA D 157 -11.46 -21.51 7.60
CA ALA D 157 -12.57 -22.00 8.41
C ALA D 157 -13.63 -20.90 8.60
N ILE D 158 -14.89 -21.28 8.47
CA ILE D 158 -15.99 -20.33 8.69
C ILE D 158 -16.33 -20.27 10.17
N GLU D 159 -16.13 -19.10 10.77
CA GLU D 159 -16.45 -18.90 12.18
C GLU D 159 -17.95 -18.89 12.40
N ARG D 160 -18.65 -18.05 11.64
CA ARG D 160 -20.09 -17.88 11.78
C ARG D 160 -20.68 -17.22 10.54
N THR D 161 -22.00 -17.06 10.53
CA THR D 161 -22.68 -16.34 9.47
C THR D 161 -23.06 -14.94 9.97
N GLU D 162 -22.71 -13.92 9.20
CA GLU D 162 -23.01 -12.55 9.57
C GLU D 162 -24.21 -12.02 8.79
N SER D 163 -24.93 -11.08 9.40
CA SER D 163 -26.08 -10.45 8.77
C SER D 163 -25.66 -9.53 7.64
N ARG D 164 -26.41 -9.54 6.55
CA ARG D 164 -26.12 -8.69 5.40
C ARG D 164 -27.08 -7.50 5.34
N ASN D 165 -27.87 -7.34 6.40
CA ASN D 165 -28.85 -6.26 6.47
C ASN D 165 -28.18 -4.89 6.52
N GLY D 166 -28.61 -3.99 5.64
CA GLY D 166 -28.11 -2.62 5.63
C GLY D 166 -26.72 -2.46 5.04
N LEU D 167 -26.14 -3.55 4.55
CA LEU D 167 -24.79 -3.50 4.01
C LEU D 167 -24.79 -3.37 2.48
N TRP D 168 -23.98 -2.45 1.98
CA TRP D 168 -23.87 -2.20 0.55
C TRP D 168 -22.42 -2.29 0.08
N GLN D 169 -22.23 -2.75 -1.15
CA GLN D 169 -20.90 -2.80 -1.75
C GLN D 169 -20.68 -1.57 -2.63
N ALA D 170 -19.74 -0.72 -2.22
CA ALA D 170 -19.48 0.52 -2.92
C ALA D 170 -18.88 0.29 -4.30
N GLN D 171 -19.38 1.04 -5.28
CA GLN D 171 -18.81 1.04 -6.62
C GLN D 171 -18.40 2.46 -6.98
N THR D 172 -18.10 2.67 -8.26
CA THR D 172 -17.84 4.00 -8.80
C THR D 172 -18.75 4.21 -10.00
N PRO D 173 -19.00 5.46 -10.43
CA PRO D 173 -18.49 6.76 -9.98
C PRO D 173 -18.93 7.18 -8.59
N GLN D 174 -18.10 7.99 -7.93
CA GLN D 174 -18.47 8.64 -6.68
C GLN D 174 -18.61 10.13 -6.95
N MET D 175 -19.77 10.68 -6.62
CA MET D 175 -20.11 12.05 -6.98
C MET D 175 -20.15 12.98 -5.77
N PHE D 176 -19.24 13.94 -5.74
CA PHE D 176 -19.17 14.90 -4.64
C PHE D 176 -18.75 16.28 -5.13
N ARG D 177 -18.81 17.27 -4.24
CA ARG D 177 -18.35 18.61 -4.54
C ARG D 177 -16.83 18.64 -4.53
N ILE D 178 -16.24 19.43 -5.42
CA ILE D 178 -14.79 19.49 -5.55
C ILE D 178 -14.15 20.06 -4.28
N GLY D 179 -14.74 21.13 -3.75
CA GLY D 179 -14.21 21.76 -2.55
C GLY D 179 -14.33 20.90 -1.31
N MET D 180 -15.50 20.29 -1.12
CA MET D 180 -15.73 19.46 0.06
C MET D 180 -14.86 18.20 0.04
N LEU D 181 -14.72 17.60 -1.15
CA LEU D 181 -13.94 16.37 -1.29
C LEU D 181 -12.45 16.62 -1.14
N ARG D 182 -11.97 17.75 -1.65
CA ARG D 182 -10.56 18.07 -1.58
C ARG D 182 -10.12 18.34 -0.14
N ASP D 183 -10.96 19.05 0.60
CA ASP D 183 -10.68 19.35 1.99
C ASP D 183 -10.75 18.09 2.85
N ALA D 184 -11.68 17.21 2.52
CA ALA D 184 -11.89 15.97 3.27
C ALA D 184 -10.68 15.05 3.15
N ILE D 185 -10.16 14.90 1.93
CA ILE D 185 -9.02 14.04 1.66
C ILE D 185 -7.77 14.58 2.35
N GLN D 186 -7.58 15.89 2.27
CA GLN D 186 -6.42 16.54 2.88
C GLN D 186 -6.37 16.30 4.38
N ARG D 187 -7.53 16.41 5.02
CA ARG D 187 -7.63 16.21 6.47
C ARG D 187 -7.40 14.74 6.83
N ALA D 188 -7.73 13.84 5.90
CA ALA D 188 -7.56 12.42 6.12
C ALA D 188 -6.08 12.02 6.05
N GLN D 189 -5.36 12.62 5.11
CA GLN D 189 -3.95 12.32 4.93
C GLN D 189 -3.11 12.81 6.11
N LEU D 190 -3.49 13.95 6.68
CA LEU D 190 -2.80 14.51 7.83
C LEU D 190 -2.94 13.61 9.06
N GLU D 191 -4.07 12.91 9.13
CA GLU D 191 -4.33 12.01 10.24
C GLU D 191 -3.82 10.60 9.95
N GLY D 192 -3.27 10.41 8.76
CA GLY D 192 -2.74 9.13 8.34
C GLY D 192 -3.81 8.13 7.96
N ARG D 193 -4.98 8.64 7.59
CA ARG D 193 -6.10 7.79 7.21
C ARG D 193 -5.99 7.34 5.74
N ASP D 194 -5.53 6.11 5.55
CA ASP D 194 -5.46 5.52 4.21
C ASP D 194 -6.85 5.01 3.82
N LEU D 195 -7.69 5.90 3.33
CA LEU D 195 -9.09 5.58 3.07
C LEU D 195 -9.28 4.90 1.71
N THR D 196 -10.19 3.94 1.67
CA THR D 196 -10.40 3.10 0.49
C THR D 196 -11.05 3.84 -0.67
N ASP D 197 -12.01 4.72 -0.36
CA ASP D 197 -12.68 5.49 -1.40
C ASP D 197 -13.03 6.90 -0.96
N GLU D 198 -13.51 7.70 -1.92
CA GLU D 198 -13.83 9.10 -1.68
C GLU D 198 -14.96 9.26 -0.67
N ALA D 199 -15.92 8.35 -0.72
CA ALA D 199 -17.07 8.38 0.18
C ALA D 199 -16.62 8.36 1.63
N SER D 200 -15.66 7.51 1.95
CA SER D 200 -15.16 7.36 3.32
C SER D 200 -14.48 8.64 3.80
N ALA D 201 -13.96 9.43 2.86
CA ALA D 201 -13.36 10.71 3.19
C ALA D 201 -14.46 11.72 3.55
N ILE D 202 -15.55 11.68 2.80
CA ILE D 202 -16.71 12.52 3.04
C ILE D 202 -17.34 12.17 4.38
N GLU D 203 -17.44 10.87 4.65
CA GLU D 203 -18.00 10.38 5.91
C GLU D 203 -17.18 10.84 7.10
N TRP D 204 -15.87 10.69 6.99
CA TRP D 204 -14.94 11.07 8.05
C TRP D 204 -14.98 12.57 8.31
N ALA D 205 -15.26 13.35 7.25
CA ALA D 205 -15.34 14.80 7.38
C ALA D 205 -16.60 15.22 8.12
N GLY D 206 -17.53 14.30 8.28
CA GLY D 206 -18.76 14.56 9.02
C GLY D 206 -19.98 14.73 8.16
N HIS D 207 -19.83 14.51 6.86
CA HIS D 207 -20.94 14.64 5.92
C HIS D 207 -21.53 13.28 5.59
N THR D 208 -22.77 13.27 5.09
CA THR D 208 -23.46 12.03 4.79
C THR D 208 -23.69 11.84 3.30
N PRO D 209 -22.98 10.89 2.69
CA PRO D 209 -23.17 10.57 1.27
C PRO D 209 -24.38 9.65 1.06
N ARG D 210 -24.87 9.56 -0.17
CA ARG D 210 -26.01 8.70 -0.47
C ARG D 210 -25.61 7.56 -1.39
N VAL D 211 -26.47 6.56 -1.52
CA VAL D 211 -26.20 5.44 -2.42
C VAL D 211 -27.22 5.39 -3.54
N VAL D 212 -26.75 5.12 -4.74
CA VAL D 212 -27.61 4.92 -5.90
C VAL D 212 -27.37 3.51 -6.40
N GLN D 213 -28.46 2.82 -6.77
CA GLN D 213 -28.38 1.43 -7.23
C GLN D 213 -27.43 1.28 -8.41
N GLY D 214 -26.44 0.41 -8.27
CA GLY D 214 -25.49 0.15 -9.32
C GLY D 214 -25.80 -1.09 -10.13
N SER D 215 -24.79 -1.64 -10.78
CA SER D 215 -24.97 -2.81 -11.63
C SER D 215 -23.80 -3.78 -11.50
N LEU D 216 -24.08 -5.07 -11.61
CA LEU D 216 -23.06 -6.10 -11.55
C LEU D 216 -22.12 -6.00 -12.75
N ARG D 217 -22.63 -5.41 -13.83
CA ARG D 217 -21.84 -5.14 -15.02
C ARG D 217 -20.72 -4.14 -14.73
N ASN D 218 -20.94 -3.30 -13.72
CA ASN D 218 -19.98 -2.26 -13.35
C ASN D 218 -18.96 -2.79 -12.33
N PHE D 219 -18.68 -4.08 -12.38
CA PHE D 219 -17.76 -4.71 -11.43
C PHE D 219 -16.32 -4.27 -11.67
N LYS D 220 -15.47 -4.48 -10.67
CA LYS D 220 -14.06 -4.12 -10.77
C LYS D 220 -13.19 -5.34 -11.05
N VAL D 221 -12.28 -5.20 -12.01
CA VAL D 221 -11.39 -6.31 -12.37
C VAL D 221 -10.15 -6.32 -11.48
N THR D 222 -9.85 -7.49 -10.94
CA THR D 222 -8.67 -7.66 -10.07
C THR D 222 -7.98 -8.99 -10.35
N TYR D 223 -8.75 -10.07 -10.30
CA TYR D 223 -8.23 -11.41 -10.52
C TYR D 223 -7.88 -11.63 -11.99
N PRO D 224 -6.98 -12.58 -12.28
CA PRO D 224 -6.62 -12.92 -13.66
C PRO D 224 -7.81 -13.42 -14.49
N GLU D 225 -8.86 -13.89 -13.82
CA GLU D 225 -10.03 -14.41 -14.52
C GLU D 225 -11.05 -13.31 -14.80
N ASP D 226 -10.84 -12.14 -14.21
CA ASP D 226 -11.75 -11.01 -14.39
C ASP D 226 -11.67 -10.47 -15.81
N PHE D 227 -10.47 -10.52 -16.39
CA PHE D 227 -10.27 -10.06 -17.76
C PHE D 227 -11.10 -10.86 -18.75
N ASP D 228 -11.12 -12.18 -18.57
CA ASP D 228 -11.95 -13.05 -19.40
C ASP D 228 -13.42 -12.71 -19.18
N LEU D 229 -13.78 -12.41 -17.95
CA LEU D 229 -15.14 -12.03 -17.60
C LEU D 229 -15.52 -10.68 -18.20
N ALA D 230 -14.57 -9.74 -18.14
CA ALA D 230 -14.80 -8.40 -18.66
C ALA D 230 -14.86 -8.41 -20.19
N GLU D 231 -14.04 -9.24 -20.81
CA GLU D 231 -14.00 -9.33 -22.27
C GLU D 231 -15.31 -9.87 -22.83
N ALA D 232 -15.93 -10.79 -22.09
CA ALA D 232 -17.18 -11.40 -22.52
C ALA D 232 -18.35 -10.43 -22.38
N ILE D 233 -18.27 -9.54 -21.40
CA ILE D 233 -19.33 -8.58 -21.14
C ILE D 233 -19.27 -7.40 -22.11
N LEU D 234 -18.06 -6.88 -22.33
CA LEU D 234 -17.87 -5.72 -23.19
C LEU D 234 -18.05 -6.07 -24.66
N ALA D 235 -17.97 -7.35 -24.98
CA ALA D 235 -18.18 -7.81 -26.35
C ALA D 235 -19.67 -7.81 -26.70
N1 CTP E . 23.29 -3.72 21.42
C2 CTP E . 23.35 -4.95 22.26
N3 CTP E . 24.53 -5.16 23.22
C4 CTP E . 25.58 -4.15 23.31
C5 CTP E . 25.52 -2.91 22.45
C6 CTP E . 24.36 -2.70 21.50
O2 CTP E . 22.52 -5.73 22.20
N4 CTP E . 26.72 -4.35 24.23
C1' CTP E . 22.18 -3.52 20.51
C2' CTP E . 21.35 -2.27 20.95
O2' CTP E . 20.45 -2.59 21.90
C3' CTP E . 20.65 -1.84 19.67
C4' CTP E . 21.40 -2.34 18.66
O4' CTP E . 22.57 -3.22 19.30
O3' CTP E . 19.30 -2.39 19.61
C5' CTP E . 22.00 -1.21 17.83
O5' CTP E . 23.19 -0.73 18.45
PA CTP E . 23.24 0.89 18.97
O1A CTP E . 22.39 1.75 18.07
O2A CTP E . 24.67 1.40 18.94
O3A CTP E . 22.68 0.98 20.51
PB CTP E . 23.60 1.36 21.82
O1B CTP E . 22.89 0.91 23.07
O2B CTP E . 24.94 0.67 21.73
O3B CTP E . 23.81 2.98 21.87
PG CTP E . 25.26 3.73 21.84
O1G CTP E . 25.02 5.22 21.67
O2G CTP E . 26.01 3.45 23.15
O3G CTP E . 26.06 3.21 20.68
MG MG F . 26.65 0.93 20.11
C ACT G . -1.50 -12.99 19.44
O ACT G . -1.79 -12.69 20.61
OXT ACT G . -0.74 -12.19 18.85
CH3 ACT G . -2.01 -14.23 18.77
C ACT H . 23.67 -1.48 12.23
O ACT H . 22.76 -0.64 12.27
OXT ACT H . 24.14 -1.73 11.09
CH3 ACT H . 24.18 -2.17 13.46
C ACT I . 13.02 -15.61 30.33
O ACT I . 13.57 -16.58 29.75
OXT ACT I . 13.78 -14.69 30.70
CH3 ACT I . 11.54 -15.56 30.55
C ACT J . 19.34 12.36 4.05
O ACT J . 19.38 13.36 4.78
OXT ACT J . 19.68 11.28 4.57
CH3 ACT J . 18.90 12.43 2.62
C ACT K . 6.34 14.08 17.63
O ACT K . 7.04 14.69 16.79
OXT ACT K . 6.76 14.06 18.81
CH3 ACT K . 5.05 13.41 17.25
C ACT L . -14.30 1.01 -4.28
O ACT L . -15.26 1.77 -4.02
OXT ACT L . -13.89 0.30 -3.34
CH3 ACT L . -13.67 0.96 -5.64
C ACT M . -20.72 -38.34 8.27
O ACT M . -21.81 -37.96 7.80
OXT ACT M . -19.99 -39.00 7.49
CH3 ACT M . -20.30 -38.05 9.68
C ACT N . -38.45 -23.97 -1.86
O ACT N . -39.51 -24.07 -1.21
OXT ACT N . -37.88 -25.04 -2.14
CH3 ACT N . -37.89 -22.64 -2.27
AS CAD O . -24.81 -37.13 -23.34
C1 CAD O . -26.32 -37.96 -24.28
C2 CAD O . -23.11 -37.92 -23.94
O1 CAD O . -24.81 -35.38 -23.70
O2 CAD O . -25.00 -37.32 -21.77
N1 CTP P . -5.18 4.01 -8.71
C2 CTP P . -4.31 5.19 -8.99
N3 CTP P . -3.03 5.41 -8.16
C4 CTP P . -2.67 4.45 -7.11
C5 CTP P . -3.55 3.27 -6.83
C6 CTP P . -4.81 3.06 -7.65
O2 CTP P . -4.59 5.93 -9.81
N4 CTP P . -1.45 4.66 -6.32
C1' CTP P . -6.39 3.81 -9.49
C2' CTP P . -6.22 2.55 -10.40
O2' CTP P . -5.73 2.92 -11.62
C3' CTP P . -7.62 1.99 -10.54
C4' CTP P . -8.32 2.45 -9.48
O4' CTP P . -7.40 3.51 -8.69
O3' CTP P . -8.24 2.46 -11.79
C5' CTP P . -8.69 1.30 -8.56
O5' CTP P . -7.52 0.84 -7.87
PA CTP P . -7.27 -0.85 -7.75
O1A CTP P . -8.54 -1.57 -8.14
O2A CTP P . -6.90 -1.21 -6.34
O3A CTP P . -6.08 -1.29 -8.77
PB CTP P . -4.47 -1.27 -8.40
O1B CTP P . -3.71 -0.51 -9.48
O2B CTP P . -4.26 -0.60 -7.05
O3B CTP P . -3.91 -2.81 -8.34
PG CTP P . -3.79 -3.71 -6.98
O1G CTP P . -5.17 -3.98 -6.43
O2G CTP P . -2.98 -2.95 -5.94
O3G CTP P . -3.10 -5.02 -7.30
MG MG Q . -5.14 -0.29 -5.04
C ACT R . -23.01 -12.33 -6.29
O ACT R . -24.25 -12.49 -6.17
OXT ACT R . -22.34 -13.38 -6.45
CH3 ACT R . -22.38 -10.97 -6.27
C ACT S . -9.32 -12.14 12.02
O ACT S . -9.89 -12.42 10.94
OXT ACT S . -9.22 -10.91 12.29
CH3 ACT S . -8.79 -13.19 12.94
C1 GOL T . -16.89 13.94 -29.23
O1 GOL T . -16.35 13.17 -28.19
C2 GOL T . -17.61 13.02 -30.22
O2 GOL T . -18.83 13.62 -30.61
C3 GOL T . -16.73 12.81 -31.44
O3 GOL T . -15.50 12.23 -31.04
#